data_8G0B
#
_entry.id   8G0B
#
_cell.length_a   1.00
_cell.length_b   1.00
_cell.length_c   1.00
_cell.angle_alpha   90.00
_cell.angle_beta   90.00
_cell.angle_gamma   90.00
#
_symmetry.space_group_name_H-M   'P 1'
#
loop_
_entity.id
_entity.type
_entity.pdbx_description
1 polymer 'ATP synthase subunit c'
2 polymer 'ATP synthase subunit a'
3 polymer 'ATP synthase subunit b'
4 polymer 'ATP synthase subunit b-delta'
5 non-polymer (1R,2S)-1-(6-bromo-2-methoxyquinolin-3-yl)-2-(2,6-dimethoxypyridin-4-yl)-4-(dimethylamino)-1-(2,3,6-trimethoxypyridin-4-yl)butan-2-ol
#
loop_
_entity_poly.entity_id
_entity_poly.type
_entity_poly.pdbx_seq_one_letter_code
_entity_poly.pdbx_strand_id
1 'polypeptide(L)'
;MDLDPNAIITAGALIGGGLIMGGGAIGAGIGDGIAGNALISGIARQPEAQGRLFTPFFITVGLVEAAYFINLAFMALFVF
ATPGLQ
;
1,2,3,4,5,6,7,8,9
2 'polypeptide(L)'
;MLAAEEGGAAIHVGHHTLVFELFGMTFNGDTILATAVTAVIVIALAFYLRAKVTSTGVPSGVQLFWEALTIQMRQQIEGS
IGMKIAPFVLPLSVTIFVFILISNWLAVLPLQYGGADGAAAELYKAPASDINFVLALALFVFVCYHAAGIWRRGIVGHPI
KVVKGHVAFLAPINIVEELAKPISLALRLFGNIFAGGILVALIAMFPWYIQWFPNAVWKTFDLFVGLIQAFIFSLLTILY
FSQSMELDHEDH
;
a
3 'polypeptide(L)'
;MGEFSATILAASQAAEEGGGGSNFLIPNGTFFAVLIIFLIVLGVISKWVVPPISKVLAEREAMLAKTAADNRKSAEQVAA
AQADYEKEMAEARAQASALRDEARAAGRSVVDEKRAQASGEVAQTLTQADQQLSAQGDQVRSGLESSVDGLSAKLASRIL
GVDVNSGGTQ
;
b
4 'polypeptide(L)'
;MSIFIGQLIGFAVIAFIIVKWVVPPVRTLMRNQQEAVRAALAESAEAAKKLADADAMHAKALADAKAESEKVTEEAKQDS
ERIAAQLSEQAGSEAERIKAQGAQQIQLMRQQLIRQLRTGLGAEAVNKAAEIVRAHVADPQAQSATVDRFLSELEQMAPS
SVVIDTAATSRLRAASRQSLAALVEKFDSVAGGLDADGLTNLADELASVAKLLLSETALNKHLAEPTDDSAPKVRLLERL
LSDKVSATTLDLLRTAVSNRWSTESNLIDAVEHTARLALLKRAEIAGEVDEVEEQLFRFGRVLDAEPRLSALLSDYTTPA
EGRVALLDKALTGRPGVNQTAAALLSQTVGLLRGERADEAVIDLAELAVSRRGEVVAHVSAAAELSDAQRTRLTEVLSRI
YGRPVSVQLHVDPELLGGLSITVGDEVIDGSIASRLAAAQTGLPD
;
d
#
loop_
_chem_comp.id
_chem_comp.type
_chem_comp.name
_chem_comp.formula
YGR non-polymer (1R,2S)-1-(6-bromo-2-methoxyquinolin-3-yl)-2-(2,6-dimethoxypyridin-4-yl)-4-(dimethylamino)-1-(2,3,6-trimethoxypyridin-4-yl)butan-2-ol 'C31 H37 Br N4 O7'
#
# COMPACT_ATOMS: atom_id res chain seq x y z
N PRO A 5 -25.46 27.87 0.93
CA PRO A 5 -26.24 26.66 1.23
C PRO A 5 -25.91 25.50 0.31
N ASN A 6 -26.04 25.73 -1.00
CA ASN A 6 -25.69 24.69 -1.97
C ASN A 6 -24.21 24.32 -1.87
N ALA A 7 -23.36 25.29 -1.52
CA ALA A 7 -21.93 25.06 -1.45
C ALA A 7 -21.60 23.93 -0.47
N ILE A 8 -22.15 24.01 0.74
CA ILE A 8 -21.91 22.97 1.73
C ILE A 8 -22.47 21.63 1.25
N ILE A 9 -23.64 21.67 0.62
CA ILE A 9 -24.27 20.42 0.17
C ILE A 9 -23.37 19.71 -0.83
N THR A 10 -22.87 20.45 -1.82
CA THR A 10 -22.05 19.80 -2.85
C THR A 10 -20.64 19.50 -2.36
N ALA A 11 -20.13 20.26 -1.38
CA ALA A 11 -18.85 19.87 -0.76
C ALA A 11 -18.99 18.55 -0.03
N GLY A 12 -20.08 18.39 0.74
CA GLY A 12 -20.34 17.11 1.37
C GLY A 12 -20.56 16.00 0.36
N ALA A 13 -21.21 16.33 -0.76
CA ALA A 13 -21.39 15.35 -1.83
C ALA A 13 -20.05 14.92 -2.40
N LEU A 14 -19.13 15.87 -2.59
CA LEU A 14 -17.80 15.54 -3.10
C LEU A 14 -17.07 14.62 -2.12
N ILE A 15 -17.13 14.95 -0.83
CA ILE A 15 -16.46 14.10 0.17
C ILE A 15 -17.10 12.72 0.20
N GLY A 16 -18.42 12.65 0.11
CA GLY A 16 -19.09 11.35 0.13
C GLY A 16 -18.77 10.51 -1.10
N GLY A 17 -18.73 11.14 -2.27
CA GLY A 17 -18.33 10.42 -3.48
C GLY A 17 -16.89 9.96 -3.40
N GLY A 18 -16.03 10.79 -2.83
CA GLY A 18 -14.66 10.35 -2.60
C GLY A 18 -14.59 9.15 -1.68
N LEU A 19 -15.41 9.14 -0.63
CA LEU A 19 -15.47 7.97 0.24
C LEU A 19 -15.99 6.75 -0.52
N ILE A 20 -17.00 6.95 -1.37
CA ILE A 20 -17.57 5.83 -2.13
C ILE A 20 -16.50 5.21 -3.02
N MET A 21 -15.76 6.03 -3.76
CA MET A 21 -14.73 5.49 -4.64
C MET A 21 -13.52 5.01 -3.87
N GLY A 22 -13.21 5.58 -2.70
CA GLY A 22 -12.13 5.03 -1.90
C GLY A 22 -12.44 3.62 -1.44
N GLY A 23 -13.66 3.41 -0.92
CA GLY A 23 -14.06 2.08 -0.52
C GLY A 23 -14.15 1.14 -1.71
N GLY A 24 -14.72 1.61 -2.81
CA GLY A 24 -14.79 0.77 -4.01
C GLY A 24 -13.42 0.38 -4.52
N ALA A 25 -12.48 1.32 -4.52
CA ALA A 25 -11.13 1.02 -4.98
C ALA A 25 -10.46 0.02 -4.05
N ILE A 26 -10.57 0.24 -2.73
CA ILE A 26 -9.96 -0.71 -1.80
C ILE A 26 -10.53 -2.10 -2.01
N GLY A 27 -11.86 -2.21 -2.03
CA GLY A 27 -12.48 -3.51 -2.18
C GLY A 27 -12.14 -4.17 -3.50
N ALA A 28 -12.26 -3.42 -4.60
CA ALA A 28 -11.98 -3.97 -5.92
C ALA A 28 -10.53 -4.42 -6.03
N GLY A 29 -9.60 -3.54 -5.65
CA GLY A 29 -8.19 -3.90 -5.76
C GLY A 29 -7.84 -5.11 -4.93
N ILE A 30 -8.26 -5.12 -3.66
CA ILE A 30 -7.85 -6.22 -2.79
C ILE A 30 -8.55 -7.52 -3.19
N GLY A 31 -9.84 -7.45 -3.52
CA GLY A 31 -10.55 -8.66 -3.93
C GLY A 31 -10.02 -9.21 -5.24
N ASP A 32 -9.73 -8.34 -6.20
CA ASP A 32 -9.14 -8.80 -7.46
C ASP A 32 -7.76 -9.38 -7.23
N GLY A 33 -6.98 -8.77 -6.34
CA GLY A 33 -5.68 -9.33 -6.02
C GLY A 33 -5.78 -10.70 -5.38
N ILE A 34 -6.78 -10.89 -4.51
CA ILE A 34 -6.94 -12.19 -3.85
C ILE A 34 -7.41 -13.24 -4.85
N ALA A 35 -8.39 -12.89 -5.70
CA ALA A 35 -8.84 -13.83 -6.73
C ALA A 35 -7.71 -14.15 -7.71
N GLY A 36 -6.91 -13.15 -8.05
CA GLY A 36 -5.77 -13.40 -8.91
C GLY A 36 -4.71 -14.25 -8.26
N ASN A 37 -4.52 -14.08 -6.95
CA ASN A 37 -3.63 -14.96 -6.21
C ASN A 37 -4.13 -16.40 -6.32
N ALA A 38 -5.42 -16.60 -6.16
CA ALA A 38 -6.00 -17.94 -6.29
C ALA A 38 -5.78 -18.49 -7.70
N LEU A 39 -6.03 -17.67 -8.72
CA LEU A 39 -5.90 -18.13 -10.10
C LEU A 39 -4.45 -18.47 -10.42
N ILE A 40 -3.52 -17.62 -10.01
CA ILE A 40 -2.10 -17.86 -10.28
C ILE A 40 -1.64 -19.12 -9.54
N SER A 41 -2.04 -19.29 -8.28
CA SER A 41 -1.67 -20.48 -7.54
C SER A 41 -2.23 -21.73 -8.20
N GLY A 42 -3.49 -21.68 -8.65
CA GLY A 42 -4.07 -22.84 -9.31
C GLY A 42 -3.37 -23.18 -10.62
N ILE A 43 -3.04 -22.16 -11.40
CA ILE A 43 -2.34 -22.42 -12.66
C ILE A 43 -0.93 -22.92 -12.41
N ALA A 44 -0.25 -22.42 -11.37
CA ALA A 44 1.09 -22.89 -11.07
C ALA A 44 1.06 -24.33 -10.58
N ARG A 45 0.08 -24.69 -9.75
CA ARG A 45 0.00 -26.04 -9.23
C ARG A 45 -0.57 -27.01 -10.27
N GLN A 46 -1.48 -26.55 -11.11
CA GLN A 46 -2.11 -27.37 -12.15
C GLN A 46 -2.00 -26.64 -13.47
N PRO A 47 -0.85 -26.73 -14.15
CA PRO A 47 -0.67 -25.98 -15.40
C PRO A 47 -1.79 -26.19 -16.42
N GLU A 48 -2.32 -27.40 -16.53
CA GLU A 48 -3.36 -27.69 -17.52
C GLU A 48 -4.73 -27.17 -17.11
N ALA A 49 -4.87 -26.64 -15.90
CA ALA A 49 -6.15 -26.20 -15.38
C ALA A 49 -6.51 -24.77 -15.77
N GLN A 50 -5.62 -24.03 -16.43
CA GLN A 50 -5.83 -22.61 -16.61
C GLN A 50 -7.19 -22.33 -17.24
N GLY A 51 -7.51 -23.02 -18.34
CA GLY A 51 -8.77 -22.75 -19.03
C GLY A 51 -9.97 -22.91 -18.11
N ARG A 52 -9.91 -23.91 -17.23
CA ARG A 52 -10.98 -24.11 -16.25
C ARG A 52 -11.05 -22.96 -15.26
N LEU A 53 -9.90 -22.59 -14.69
CA LEU A 53 -9.86 -21.68 -13.54
C LEU A 53 -10.34 -20.29 -13.88
N PHE A 54 -10.50 -19.95 -15.16
CA PHE A 54 -11.02 -18.65 -15.51
C PHE A 54 -12.52 -18.55 -15.34
N THR A 55 -13.24 -19.66 -15.19
CA THR A 55 -14.67 -19.55 -14.94
C THR A 55 -14.92 -19.23 -13.47
N PRO A 56 -14.31 -19.94 -12.52
CA PRO A 56 -14.40 -19.49 -11.12
C PRO A 56 -13.81 -18.11 -10.90
N PHE A 57 -12.76 -17.76 -11.65
CA PHE A 57 -12.10 -16.47 -11.47
C PHE A 57 -13.03 -15.33 -11.89
N PHE A 58 -13.52 -15.36 -13.12
CA PHE A 58 -14.34 -14.26 -13.60
C PHE A 58 -15.66 -14.15 -12.84
N ILE A 59 -16.14 -15.26 -12.29
CA ILE A 59 -17.27 -15.18 -11.36
C ILE A 59 -16.87 -14.36 -10.15
N THR A 60 -15.76 -14.72 -9.52
CA THR A 60 -15.26 -13.96 -8.37
C THR A 60 -15.05 -12.51 -8.74
N VAL A 61 -14.19 -12.25 -9.74
CA VAL A 61 -13.98 -10.89 -10.20
C VAL A 61 -15.30 -10.28 -10.68
N GLY A 62 -16.24 -11.12 -11.11
CA GLY A 62 -17.54 -10.60 -11.47
C GLY A 62 -18.26 -9.99 -10.29
N LEU A 63 -18.25 -10.68 -9.14
CA LEU A 63 -18.89 -10.14 -7.96
C LEU A 63 -18.09 -8.96 -7.39
N VAL A 64 -16.77 -9.05 -7.42
CA VAL A 64 -15.94 -7.96 -6.92
C VAL A 64 -16.12 -6.71 -7.78
N GLU A 65 -15.75 -6.80 -9.07
CA GLU A 65 -15.80 -5.65 -9.93
C GLU A 65 -17.21 -5.10 -10.09
N ALA A 66 -18.24 -5.92 -9.85
CA ALA A 66 -19.60 -5.41 -9.83
C ALA A 66 -19.76 -4.34 -8.76
N ALA A 67 -19.35 -4.66 -7.52
CA ALA A 67 -19.49 -3.72 -6.43
C ALA A 67 -18.86 -2.39 -6.80
N TYR A 68 -17.61 -2.42 -7.25
CA TYR A 68 -16.94 -1.19 -7.67
C TYR A 68 -17.81 -0.41 -8.64
N PHE A 69 -18.29 -1.08 -9.68
CA PHE A 69 -19.11 -0.39 -10.68
C PHE A 69 -20.26 0.34 -10.00
N ILE A 70 -20.97 -0.37 -9.13
CA ILE A 70 -22.10 0.26 -8.44
C ILE A 70 -21.62 1.51 -7.72
N ASN A 71 -20.55 1.38 -6.94
CA ASN A 71 -20.01 2.55 -6.25
C ASN A 71 -19.76 3.67 -7.24
N LEU A 72 -19.06 3.36 -8.34
CA LEU A 72 -18.80 4.37 -9.35
C LEU A 72 -20.10 5.02 -9.77
N ALA A 73 -21.09 4.21 -10.16
CA ALA A 73 -22.37 4.76 -10.56
C ALA A 73 -22.89 5.71 -9.50
N PHE A 74 -22.90 5.27 -8.24
CA PHE A 74 -23.49 6.08 -7.19
C PHE A 74 -22.71 7.37 -7.01
N MET A 75 -21.38 7.34 -7.19
CA MET A 75 -20.64 8.59 -7.08
C MET A 75 -21.18 9.61 -8.08
N ALA A 76 -21.45 9.17 -9.32
CA ALA A 76 -22.06 10.08 -10.27
C ALA A 76 -23.32 10.68 -9.68
N LEU A 77 -24.19 9.84 -9.13
CA LEU A 77 -25.40 10.34 -8.49
C LEU A 77 -25.05 11.29 -7.35
N PHE A 78 -24.02 10.95 -6.57
CA PHE A 78 -23.56 11.87 -5.53
C PHE A 78 -22.97 13.14 -6.14
N VAL A 79 -22.23 13.02 -7.23
CA VAL A 79 -21.38 14.11 -7.69
C VAL A 79 -22.08 14.96 -8.74
N PHE A 80 -22.63 14.33 -9.78
CA PHE A 80 -23.25 15.08 -10.87
C PHE A 80 -24.74 15.29 -10.68
N ALA A 81 -25.39 14.49 -9.83
CA ALA A 81 -26.80 14.62 -9.53
C ALA A 81 -27.02 14.57 -8.02
N THR A 82 -26.26 15.37 -7.30
CA THR A 82 -26.20 15.26 -5.85
C THR A 82 -27.61 15.35 -5.25
N PRO A 83 -28.04 14.38 -4.46
CA PRO A 83 -29.36 14.48 -3.84
C PRO A 83 -29.44 15.64 -2.86
N GLY A 84 -30.64 16.23 -2.78
CA GLY A 84 -30.89 17.27 -1.81
C GLY A 84 -30.21 18.59 -2.08
N LEU A 85 -29.82 18.88 -3.32
CA LEU A 85 -29.20 20.15 -3.64
C LEU A 85 -30.19 21.29 -3.45
N PRO B 5 -17.80 31.10 -1.54
CA PRO B 5 -18.37 29.75 -1.51
C PRO B 5 -17.49 28.73 -2.20
N ASN B 6 -16.78 29.17 -3.24
CA ASN B 6 -15.91 28.26 -3.99
C ASN B 6 -14.79 27.71 -3.12
N ALA B 7 -14.42 28.39 -2.04
CA ALA B 7 -13.38 27.87 -1.15
C ALA B 7 -13.83 26.56 -0.50
N ILE B 8 -15.07 26.52 -0.01
CA ILE B 8 -15.59 25.28 0.57
C ILE B 8 -15.66 24.20 -0.50
N ILE B 9 -16.05 24.58 -1.72
CA ILE B 9 -16.15 23.61 -2.80
C ILE B 9 -14.78 23.00 -3.06
N THR B 10 -13.76 23.84 -3.17
CA THR B 10 -12.42 23.33 -3.46
C THR B 10 -11.88 22.49 -2.32
N ALA B 11 -12.13 22.90 -1.07
CA ALA B 11 -11.66 22.11 0.07
C ALA B 11 -12.32 20.73 0.08
N GLY B 12 -13.64 20.69 -0.14
CA GLY B 12 -14.33 19.42 -0.18
C GLY B 12 -13.87 18.56 -1.34
N ALA B 13 -13.65 19.17 -2.51
CA ALA B 13 -13.16 18.41 -3.65
C ALA B 13 -11.77 17.86 -3.40
N LEU B 14 -10.91 18.64 -2.75
CA LEU B 14 -9.57 18.15 -2.43
C LEU B 14 -9.63 17.00 -1.44
N ILE B 15 -10.49 17.09 -0.43
CA ILE B 15 -10.60 16.00 0.53
C ILE B 15 -11.17 14.75 -0.15
N GLY B 16 -12.16 14.93 -1.02
CA GLY B 16 -12.72 13.79 -1.72
C GLY B 16 -11.71 13.15 -2.67
N GLY B 17 -10.93 13.96 -3.38
CA GLY B 17 -9.88 13.40 -4.23
C GLY B 17 -8.80 12.71 -3.43
N GLY B 18 -8.47 13.26 -2.27
CA GLY B 18 -7.52 12.58 -1.40
C GLY B 18 -8.04 11.24 -0.92
N LEU B 19 -9.33 11.18 -0.59
CA LEU B 19 -9.93 9.89 -0.24
C LEU B 19 -9.89 8.92 -1.42
N ILE B 20 -10.21 9.41 -2.62
CA ILE B 20 -10.18 8.56 -3.80
C ILE B 20 -8.79 7.98 -3.99
N MET B 21 -7.77 8.83 -3.95
CA MET B 21 -6.40 8.38 -4.19
C MET B 21 -5.88 7.50 -3.06
N GLY B 22 -6.27 7.78 -1.81
CA GLY B 22 -5.87 6.92 -0.73
C GLY B 22 -6.47 5.53 -0.84
N GLY B 23 -7.77 5.45 -1.14
CA GLY B 23 -8.39 4.15 -1.34
C GLY B 23 -7.80 3.43 -2.54
N GLY B 24 -7.56 4.14 -3.63
CA GLY B 24 -6.92 3.52 -4.78
C GLY B 24 -5.54 3.01 -4.46
N ALA B 25 -4.76 3.79 -3.71
CA ALA B 25 -3.42 3.35 -3.32
C ALA B 25 -3.49 2.11 -2.45
N ILE B 26 -4.37 2.10 -1.45
CA ILE B 26 -4.49 0.94 -0.58
C ILE B 26 -4.86 -0.29 -1.40
N GLY B 27 -5.93 -0.19 -2.18
CA GLY B 27 -6.39 -1.33 -2.95
C GLY B 27 -5.35 -1.82 -3.93
N ALA B 28 -4.78 -0.90 -4.71
CA ALA B 28 -3.82 -1.28 -5.73
C ALA B 28 -2.57 -1.90 -5.12
N GLY B 29 -2.00 -1.24 -4.10
CA GLY B 29 -0.81 -1.78 -3.48
C GLY B 29 -1.04 -3.15 -2.89
N ILE B 30 -2.11 -3.31 -2.12
CA ILE B 30 -2.32 -4.58 -1.43
C ILE B 30 -2.69 -5.69 -2.42
N GLY B 31 -3.53 -5.37 -3.41
CA GLY B 31 -3.88 -6.38 -4.40
C GLY B 31 -2.70 -6.79 -5.26
N ASP B 32 -1.89 -5.82 -5.68
CA ASP B 32 -0.68 -6.14 -6.43
C ASP B 32 0.28 -6.95 -5.58
N GLY B 33 0.39 -6.64 -4.29
CA GLY B 33 1.22 -7.43 -3.42
C GLY B 33 0.73 -8.86 -3.30
N ILE B 34 -0.58 -9.05 -3.20
CA ILE B 34 -1.13 -10.40 -3.10
C ILE B 34 -0.90 -11.18 -4.39
N ALA B 35 -1.20 -10.56 -5.54
CA ALA B 35 -1.00 -11.24 -6.82
C ALA B 35 0.47 -11.56 -7.04
N GLY B 36 1.37 -10.63 -6.72
CA GLY B 36 2.78 -10.88 -6.84
C GLY B 36 3.30 -11.88 -5.84
N ASN B 37 2.67 -11.98 -4.67
CA ASN B 37 2.99 -13.06 -3.75
C ASN B 37 2.69 -14.41 -4.39
N ALA B 38 1.52 -14.52 -5.02
CA ALA B 38 1.20 -15.74 -5.75
C ALA B 38 2.22 -16.01 -6.84
N LEU B 39 2.58 -14.97 -7.60
CA LEU B 39 3.52 -15.15 -8.71
C LEU B 39 4.88 -15.60 -8.20
N ILE B 40 5.40 -14.95 -7.15
CA ILE B 40 6.71 -15.29 -6.62
C ILE B 40 6.70 -16.70 -6.05
N SER B 41 5.64 -17.07 -5.33
CA SER B 41 5.57 -18.42 -4.78
C SER B 41 5.53 -19.45 -5.90
N GLY B 42 4.73 -19.21 -6.94
CA GLY B 42 4.65 -20.16 -8.03
C GLY B 42 5.95 -20.29 -8.79
N ILE B 43 6.68 -19.18 -8.96
CA ILE B 43 7.97 -19.24 -9.63
C ILE B 43 8.99 -19.95 -8.75
N ALA B 44 8.94 -19.73 -7.44
CA ALA B 44 9.85 -20.42 -6.53
C ALA B 44 9.62 -21.92 -6.57
N ARG B 45 8.37 -22.35 -6.56
CA ARG B 45 8.08 -23.77 -6.61
C ARG B 45 8.45 -24.38 -7.95
N GLN B 46 8.04 -23.73 -9.04
CA GLN B 46 8.28 -24.23 -10.40
C GLN B 46 8.86 -23.09 -11.24
N PRO B 47 10.19 -22.95 -11.27
CA PRO B 47 10.77 -21.84 -12.07
C PRO B 47 10.35 -21.88 -13.53
N GLU B 48 10.26 -23.07 -14.12
CA GLU B 48 9.86 -23.18 -15.52
C GLU B 48 8.47 -22.61 -15.76
N ALA B 49 7.65 -22.50 -14.71
CA ALA B 49 6.31 -21.95 -14.84
C ALA B 49 6.31 -20.43 -14.97
N GLN B 50 7.47 -19.77 -14.86
CA GLN B 50 7.53 -18.32 -14.90
C GLN B 50 6.67 -17.74 -16.01
N GLY B 51 7.01 -18.05 -17.26
CA GLY B 51 6.27 -17.48 -18.37
C GLY B 51 4.80 -17.85 -18.35
N ARG B 52 4.48 -19.04 -17.83
CA ARG B 52 3.08 -19.45 -17.72
C ARG B 52 2.34 -18.59 -16.70
N LEU B 53 3.01 -18.20 -15.61
CA LEU B 53 2.33 -17.49 -14.54
C LEU B 53 2.11 -16.01 -14.85
N PHE B 54 2.85 -15.44 -15.79
CA PHE B 54 2.68 -14.03 -16.11
C PHE B 54 1.41 -13.76 -16.92
N THR B 55 0.86 -14.77 -17.59
CA THR B 55 -0.39 -14.56 -18.31
C THR B 55 -1.54 -14.27 -17.35
N PRO B 56 -1.90 -15.17 -16.42
CA PRO B 56 -2.95 -14.80 -15.45
C PRO B 56 -2.56 -13.62 -14.59
N PHE B 57 -1.31 -13.56 -14.15
CA PHE B 57 -0.88 -12.50 -13.25
C PHE B 57 -1.18 -11.13 -13.83
N PHE B 58 -0.74 -10.89 -15.06
CA PHE B 58 -0.96 -9.58 -15.67
C PHE B 58 -2.40 -9.34 -16.05
N ILE B 59 -3.24 -10.38 -16.08
CA ILE B 59 -4.68 -10.14 -16.12
C ILE B 59 -5.13 -9.56 -14.79
N THR B 60 -4.76 -10.22 -13.69
CA THR B 60 -5.23 -9.80 -12.38
C THR B 60 -4.70 -8.42 -12.04
N VAL B 61 -3.38 -8.24 -12.17
CA VAL B 61 -2.81 -6.91 -11.99
C VAL B 61 -3.46 -5.94 -12.97
N GLY B 62 -3.75 -6.40 -14.19
CA GLY B 62 -4.39 -5.54 -15.16
C GLY B 62 -5.71 -4.99 -14.62
N LEU B 63 -6.45 -5.83 -13.91
CA LEU B 63 -7.65 -5.34 -13.23
C LEU B 63 -7.29 -4.40 -12.09
N VAL B 64 -6.33 -4.81 -11.25
CA VAL B 64 -6.01 -4.03 -10.06
C VAL B 64 -5.54 -2.63 -10.45
N GLU B 65 -4.59 -2.56 -11.39
CA GLU B 65 -4.14 -1.26 -11.86
C GLU B 65 -5.31 -0.46 -12.42
N ALA B 66 -6.24 -1.13 -13.12
CA ALA B 66 -7.39 -0.42 -13.66
C ALA B 66 -8.25 0.16 -12.56
N ALA B 67 -8.31 -0.50 -11.40
CA ALA B 67 -9.00 0.09 -10.26
C ALA B 67 -8.28 1.35 -9.78
N TYR B 68 -6.95 1.34 -9.85
CA TYR B 68 -6.19 2.51 -9.39
C TYR B 68 -6.38 3.70 -10.33
N PHE B 69 -5.96 3.56 -11.58
CA PHE B 69 -5.90 4.72 -12.46
C PHE B 69 -7.29 5.27 -12.76
N ILE B 70 -8.29 4.41 -12.87
CA ILE B 70 -9.66 4.91 -13.01
C ILE B 70 -9.98 5.83 -11.85
N ASN B 71 -9.69 5.40 -10.62
CA ASN B 71 -9.86 6.27 -9.47
C ASN B 71 -9.06 7.55 -9.65
N LEU B 72 -7.82 7.42 -10.09
CA LEU B 72 -7.02 8.60 -10.37
C LEU B 72 -7.70 9.47 -11.41
N ALA B 73 -8.22 8.86 -12.47
CA ALA B 73 -8.94 9.63 -13.48
C ALA B 73 -10.08 10.42 -12.86
N PHE B 74 -10.71 9.87 -11.83
CA PHE B 74 -11.79 10.61 -11.16
C PHE B 74 -11.23 11.69 -10.23
N MET B 75 -10.10 11.43 -9.58
CA MET B 75 -9.53 12.43 -8.69
C MET B 75 -9.24 13.72 -9.45
N ALA B 76 -8.66 13.59 -10.64
CA ALA B 76 -8.49 14.76 -11.49
C ALA B 76 -9.82 15.47 -11.68
N LEU B 77 -10.85 14.72 -12.07
CA LEU B 77 -12.17 15.32 -12.26
C LEU B 77 -12.66 16.01 -11.00
N PHE B 78 -12.21 15.56 -9.82
CA PHE B 78 -12.59 16.22 -8.58
C PHE B 78 -11.83 17.53 -8.38
N VAL B 79 -10.54 17.55 -8.72
CA VAL B 79 -9.68 18.66 -8.30
C VAL B 79 -9.50 19.66 -9.43
N PHE B 80 -9.42 19.17 -10.67
CA PHE B 80 -9.22 20.05 -11.81
C PHE B 80 -10.53 20.48 -12.44
N ALA B 81 -11.53 19.62 -12.47
CA ALA B 81 -12.85 19.97 -12.97
C ALA B 81 -13.79 20.39 -11.84
N THR B 82 -13.74 19.68 -10.72
CA THR B 82 -14.53 20.02 -9.54
C THR B 82 -16.00 20.18 -9.92
N PRO B 83 -16.70 19.08 -10.21
CA PRO B 83 -18.12 19.20 -10.57
C PRO B 83 -18.91 19.89 -9.47
N GLY B 84 -19.83 20.75 -9.89
CA GLY B 84 -20.59 21.56 -8.95
C GLY B 84 -19.88 22.82 -8.52
N LEU B 85 -18.76 23.17 -9.15
CA LEU B 85 -18.01 24.36 -8.77
C LEU B 85 -18.69 25.62 -9.30
N PRO C 5 -10.42 32.94 2.31
CA PRO C 5 -10.84 31.85 1.42
C PRO C 5 -9.69 30.90 1.11
N ASN C 6 -8.48 31.43 0.98
CA ASN C 6 -7.33 30.59 0.69
C ASN C 6 -6.99 29.68 1.85
N ALA C 7 -7.28 30.10 3.08
CA ALA C 7 -6.96 29.26 4.24
C ALA C 7 -7.77 27.97 4.23
N ILE C 8 -9.05 28.05 3.90
CA ILE C 8 -9.89 26.85 3.86
C ILE C 8 -9.39 25.89 2.78
N ILE C 9 -9.06 26.43 1.60
CA ILE C 9 -8.56 25.59 0.52
C ILE C 9 -7.24 24.95 0.92
N THR C 10 -6.36 25.71 1.58
CA THR C 10 -5.09 25.16 2.01
C THR C 10 -5.28 24.04 3.02
N ALA C 11 -6.17 24.23 3.99
CA ALA C 11 -6.43 23.19 4.97
C ALA C 11 -7.02 21.94 4.32
N GLY C 12 -7.95 22.13 3.39
CA GLY C 12 -8.51 21.00 2.66
C GLY C 12 -7.45 20.27 1.85
N ALA C 13 -6.55 21.02 1.23
CA ALA C 13 -5.46 20.40 0.48
C ALA C 13 -4.54 19.62 1.40
N LEU C 14 -4.24 20.17 2.58
CA LEU C 14 -3.41 19.44 3.54
C LEU C 14 -4.09 18.14 3.98
N ILE C 15 -5.39 18.19 4.25
CA ILE C 15 -6.09 16.97 4.66
C ILE C 15 -6.11 15.96 3.52
N GLY C 16 -6.36 16.43 2.28
CA GLY C 16 -6.36 15.53 1.15
C GLY C 16 -5.00 14.89 0.89
N GLY C 17 -3.93 15.68 1.03
CA GLY C 17 -2.60 15.13 0.88
C GLY C 17 -2.25 14.15 1.98
N GLY C 18 -2.70 14.44 3.21
CA GLY C 18 -2.52 13.48 4.28
C GLY C 18 -3.23 12.17 4.00
N LEU C 19 -4.45 12.25 3.46
CA LEU C 19 -5.17 11.05 3.08
C LEU C 19 -4.42 10.31 1.97
N ILE C 20 -3.92 11.04 0.98
CA ILE C 20 -3.19 10.41 -0.13
C ILE C 20 -1.99 9.64 0.40
N MET C 21 -1.19 10.28 1.26
CA MET C 21 0.00 9.60 1.76
C MET C 21 -0.35 8.49 2.76
N GLY C 22 -1.42 8.65 3.54
CA GLY C 22 -1.81 7.56 4.41
C GLY C 22 -2.21 6.32 3.64
N GLY C 23 -3.04 6.50 2.61
CA GLY C 23 -3.40 5.37 1.76
C GLY C 23 -2.21 4.80 1.03
N GLY C 24 -1.35 5.66 0.50
CA GLY C 24 -0.18 5.19 -0.21
C GLY C 24 0.76 4.42 0.68
N ALA C 25 0.97 4.90 1.92
CA ALA C 25 1.83 4.19 2.86
C ALA C 25 1.22 2.86 3.26
N ILE C 26 -0.08 2.83 3.54
CA ILE C 26 -0.72 1.56 3.88
C ILE C 26 -0.52 0.57 2.75
N GLY C 27 -0.86 0.97 1.52
CA GLY C 27 -0.74 0.06 0.40
C GLY C 27 0.70 -0.37 0.16
N ALA C 28 1.63 0.58 0.15
CA ALA C 28 3.03 0.25 -0.07
C ALA C 28 3.54 -0.71 0.98
N GLY C 29 3.35 -0.38 2.25
CA GLY C 29 3.85 -1.24 3.31
C GLY C 29 3.27 -2.63 3.24
N ILE C 30 1.95 -2.74 3.12
CA ILE C 30 1.32 -4.06 3.18
C ILE C 30 1.65 -4.87 1.93
N GLY C 31 1.59 -4.25 0.75
CA GLY C 31 1.92 -4.98 -0.46
C GLY C 31 3.37 -5.41 -0.53
N ASP C 32 4.29 -4.52 -0.12
CA ASP C 32 5.69 -4.87 -0.07
C ASP C 32 5.94 -5.98 0.95
N GLY C 33 5.25 -5.92 2.09
CA GLY C 33 5.37 -6.99 3.07
C GLY C 33 4.90 -8.32 2.52
N ILE C 34 3.79 -8.32 1.78
CA ILE C 34 3.27 -9.56 1.22
C ILE C 34 4.22 -10.11 0.15
N ALA C 35 4.71 -9.24 -0.73
CA ALA C 35 5.65 -9.68 -1.76
C ALA C 35 6.94 -10.21 -1.14
N GLY C 36 7.47 -9.50 -0.13
CA GLY C 36 8.66 -9.98 0.55
C GLY C 36 8.40 -11.23 1.37
N ASN C 37 7.18 -11.43 1.84
CA ASN C 37 6.82 -12.68 2.49
C ASN C 37 6.89 -13.82 1.49
N ALA C 38 6.38 -13.61 0.28
CA ALA C 38 6.53 -14.63 -0.76
C ALA C 38 7.99 -14.89 -1.07
N LEU C 39 8.79 -13.82 -1.18
CA LEU C 39 10.21 -13.96 -1.49
C LEU C 39 10.94 -14.75 -0.42
N ILE C 40 10.69 -14.41 0.86
CA ILE C 40 11.37 -15.09 1.95
C ILE C 40 10.91 -16.54 2.06
N SER C 41 9.62 -16.80 1.85
CA SER C 41 9.15 -18.17 1.85
C SER C 41 9.80 -18.99 0.73
N GLY C 42 9.91 -18.41 -0.46
CA GLY C 42 10.55 -19.10 -1.55
C GLY C 42 12.01 -19.39 -1.29
N ILE C 43 12.74 -18.40 -0.75
CA ILE C 43 14.14 -18.60 -0.44
C ILE C 43 14.32 -19.55 0.74
N ALA C 44 13.33 -19.68 1.60
CA ALA C 44 13.40 -20.68 2.67
C ALA C 44 13.19 -22.08 2.11
N ARG C 45 12.20 -22.25 1.23
CA ARG C 45 11.95 -23.56 0.65
C ARG C 45 13.07 -23.98 -0.28
N GLN C 46 13.53 -23.06 -1.13
CA GLN C 46 14.60 -23.33 -2.09
C GLN C 46 15.64 -22.22 -1.97
N PRO C 47 16.61 -22.38 -1.06
CA PRO C 47 17.60 -21.30 -0.88
C PRO C 47 18.38 -20.97 -2.15
N GLU C 48 18.46 -21.88 -3.11
CA GLU C 48 19.16 -21.63 -4.36
C GLU C 48 18.31 -20.87 -5.37
N ALA C 49 17.05 -20.57 -5.04
CA ALA C 49 16.15 -19.87 -5.94
C ALA C 49 16.29 -18.36 -5.86
N GLN C 50 17.04 -17.84 -4.87
CA GLN C 50 17.07 -16.41 -4.62
C GLN C 50 17.31 -15.62 -5.89
N GLY C 51 18.34 -16.00 -6.66
CA GLY C 51 18.68 -15.23 -7.84
C GLY C 51 17.52 -15.10 -8.80
N ARG C 52 16.75 -16.17 -8.99
CA ARG C 52 15.64 -16.14 -9.93
C ARG C 52 14.39 -15.50 -9.35
N LEU C 53 14.34 -15.27 -8.03
CA LEU C 53 13.15 -14.70 -7.41
C LEU C 53 13.17 -13.19 -7.33
N PHE C 54 14.31 -12.55 -7.59
CA PHE C 54 14.36 -11.09 -7.57
C PHE C 54 13.71 -10.48 -8.80
N THR C 55 13.62 -11.24 -9.90
CA THR C 55 12.93 -10.71 -11.08
C THR C 55 11.43 -10.62 -10.84
N PRO C 56 10.73 -11.71 -10.53
CA PRO C 56 9.29 -11.59 -10.21
C PRO C 56 9.03 -10.79 -8.95
N PHE C 57 10.02 -10.64 -8.08
CA PHE C 57 9.83 -9.84 -6.87
C PHE C 57 9.83 -8.36 -7.20
N PHE C 58 10.92 -7.86 -7.78
CA PHE C 58 11.01 -6.45 -8.12
C PHE C 58 9.97 -6.03 -9.15
N ILE C 59 9.49 -6.96 -9.98
CA ILE C 59 8.31 -6.69 -10.78
C ILE C 59 7.14 -6.36 -9.87
N THR C 60 6.81 -7.29 -8.97
CA THR C 60 5.73 -7.06 -8.01
C THR C 60 5.95 -5.77 -7.24
N VAL C 61 7.13 -5.63 -6.64
CA VAL C 61 7.45 -4.39 -5.93
C VAL C 61 7.28 -3.21 -6.87
N GLY C 62 7.78 -3.35 -8.10
CA GLY C 62 7.65 -2.27 -9.06
C GLY C 62 6.20 -1.85 -9.24
N LEU C 63 5.29 -2.82 -9.28
CA LEU C 63 3.88 -2.48 -9.33
C LEU C 63 3.45 -1.79 -8.05
N VAL C 64 3.73 -2.42 -6.89
CA VAL C 64 3.25 -1.89 -5.63
C VAL C 64 3.76 -0.47 -5.41
N GLU C 65 5.07 -0.28 -5.57
CA GLU C 65 5.66 1.04 -5.35
C GLU C 65 4.95 2.09 -6.20
N ALA C 66 4.52 1.72 -7.41
CA ALA C 66 3.85 2.70 -8.26
C ALA C 66 2.66 3.30 -7.53
N ALA C 67 1.78 2.44 -7.01
CA ALA C 67 0.58 2.94 -6.34
C ALA C 67 0.95 3.93 -5.25
N TYR C 68 2.11 3.72 -4.61
CA TYR C 68 2.58 4.65 -3.61
C TYR C 68 3.08 5.94 -4.26
N PHE C 69 4.07 5.82 -5.14
CA PHE C 69 4.83 7.01 -5.54
C PHE C 69 4.00 7.92 -6.42
N ILE C 70 3.21 7.34 -7.34
CA ILE C 70 2.22 8.13 -8.04
C ILE C 70 1.45 8.98 -7.03
N ASN C 71 0.86 8.33 -6.03
CA ASN C 71 0.15 9.06 -4.98
C ASN C 71 1.04 10.14 -4.40
N LEU C 72 2.28 9.79 -4.04
CA LEU C 72 3.20 10.77 -3.49
C LEU C 72 3.27 11.99 -4.39
N ALA C 73 3.50 11.77 -5.69
CA ALA C 73 3.58 12.88 -6.62
C ALA C 73 2.36 13.76 -6.50
N PHE C 74 1.17 13.15 -6.53
CA PHE C 74 -0.04 13.95 -6.52
C PHE C 74 -0.19 14.72 -5.21
N MET C 75 0.29 14.15 -4.09
CA MET C 75 0.23 14.92 -2.86
C MET C 75 1.00 16.23 -3.00
N ALA C 76 2.17 16.17 -3.64
CA ALA C 76 2.91 17.40 -3.90
C ALA C 76 2.03 18.37 -4.66
N LEU C 77 1.36 17.89 -5.71
CA LEU C 77 0.44 18.74 -6.45
C LEU C 77 -0.65 19.27 -5.54
N PHE C 78 -1.16 18.42 -4.65
CA PHE C 78 -2.14 18.88 -3.67
C PHE C 78 -1.54 19.94 -2.75
N VAL C 79 -0.29 19.74 -2.34
CA VAL C 79 0.27 20.49 -1.21
C VAL C 79 1.00 21.74 -1.69
N PHE C 80 1.89 21.60 -2.66
CA PHE C 80 2.72 22.71 -3.10
C PHE C 80 2.14 23.47 -4.29
N ALA C 81 1.30 22.82 -5.09
CA ALA C 81 0.68 23.43 -6.27
C ALA C 81 -0.80 23.12 -6.30
N THR C 82 -1.47 23.36 -5.17
CA THR C 82 -2.88 23.03 -4.97
C THR C 82 -3.70 23.32 -6.23
N PRO C 83 -4.41 22.33 -6.77
CA PRO C 83 -5.16 22.56 -8.02
C PRO C 83 -6.10 23.76 -7.95
N GLY C 84 -6.76 23.97 -6.82
CA GLY C 84 -7.58 25.14 -6.60
C GLY C 84 -6.95 26.02 -5.54
N LEU C 85 -6.97 27.33 -5.77
CA LEU C 85 -6.37 28.27 -4.84
C LEU C 85 -6.68 29.71 -5.25
N PRO D 5 -6.74 32.87 9.85
CA PRO D 5 -6.31 32.06 8.71
C PRO D 5 -5.24 31.05 9.08
N ASN D 6 -4.26 31.49 9.88
CA ASN D 6 -3.19 30.60 10.29
C ASN D 6 -3.71 29.43 11.12
N ALA D 7 -4.71 29.68 11.98
CA ALA D 7 -5.22 28.61 12.83
C ALA D 7 -5.84 27.49 11.99
N ILE D 8 -6.63 27.85 10.98
CA ILE D 8 -7.27 26.83 10.14
C ILE D 8 -6.22 26.01 9.42
N ILE D 9 -5.21 26.66 8.84
CA ILE D 9 -4.18 25.94 8.10
C ILE D 9 -3.38 25.04 9.05
N THR D 10 -3.09 25.53 10.25
CA THR D 10 -2.34 24.73 11.20
C THR D 10 -3.14 23.50 11.64
N ALA D 11 -4.44 23.67 11.89
CA ALA D 11 -5.27 22.54 12.27
C ALA D 11 -5.36 21.52 11.13
N GLY D 12 -5.55 22.01 9.90
CA GLY D 12 -5.58 21.10 8.77
C GLY D 12 -4.26 20.37 8.58
N ALA D 13 -3.15 21.07 8.80
CA ALA D 13 -1.84 20.44 8.71
C ALA D 13 -1.66 19.39 9.79
N LEU D 14 -2.14 19.66 11.00
CA LEU D 14 -2.07 18.67 12.07
C LEU D 14 -2.88 17.44 11.71
N ILE D 15 -4.09 17.62 11.18
CA ILE D 15 -4.91 16.47 10.79
C ILE D 15 -4.24 15.70 9.65
N GLY D 16 -3.68 16.41 8.68
CA GLY D 16 -3.01 15.74 7.58
C GLY D 16 -1.78 14.97 8.00
N GLY D 17 -0.99 15.55 8.91
CA GLY D 17 0.15 14.84 9.46
C GLY D 17 -0.27 13.64 10.29
N GLY D 18 -1.38 13.77 11.02
CA GLY D 18 -1.91 12.63 11.73
C GLY D 18 -2.30 11.51 10.79
N LEU D 19 -2.95 11.86 9.67
CA LEU D 19 -3.27 10.86 8.66
C LEU D 19 -2.00 10.23 8.09
N ILE D 20 -0.99 11.06 7.81
CA ILE D 20 0.26 10.55 7.26
C ILE D 20 0.87 9.53 8.20
N MET D 21 0.95 9.88 9.48
CA MET D 21 1.61 8.98 10.44
C MET D 21 0.75 7.76 10.75
N GLY D 22 -0.58 7.91 10.77
CA GLY D 22 -1.42 6.73 10.96
C GLY D 22 -1.27 5.75 9.82
N GLY D 23 -1.31 6.23 8.59
CA GLY D 23 -1.11 5.36 7.45
C GLY D 23 0.28 4.76 7.42
N GLY D 24 1.30 5.57 7.73
CA GLY D 24 2.65 5.05 7.76
C GLY D 24 2.84 3.98 8.82
N ALA D 25 2.29 4.20 10.01
CA ALA D 25 2.37 3.20 11.06
C ALA D 25 1.64 1.93 10.66
N ILE D 26 0.43 2.06 10.10
CA ILE D 26 -0.30 0.86 9.68
C ILE D 26 0.51 0.08 8.66
N GLY D 27 0.99 0.78 7.62
CA GLY D 27 1.71 0.09 6.56
C GLY D 27 3.00 -0.54 7.06
N ALA D 28 3.79 0.23 7.80
CA ALA D 28 5.07 -0.28 8.28
C ALA D 28 4.86 -1.45 9.23
N GLY D 29 3.94 -1.31 10.19
CA GLY D 29 3.72 -2.38 11.14
C GLY D 29 3.22 -3.65 10.48
N ILE D 30 2.23 -3.53 9.60
CA ILE D 30 1.66 -4.72 9.00
C ILE D 30 2.65 -5.36 8.02
N GLY D 31 3.38 -4.55 7.24
CA GLY D 31 4.37 -5.10 6.35
C GLY D 31 5.52 -5.75 7.08
N ASP D 32 5.99 -5.12 8.15
CA ASP D 32 7.03 -5.73 8.98
C ASP D 32 6.53 -7.03 9.59
N GLY D 33 5.28 -7.04 10.06
CA GLY D 33 4.72 -8.26 10.60
C GLY D 33 4.66 -9.37 9.58
N ILE D 34 4.26 -9.06 8.35
CA ILE D 34 4.16 -10.08 7.31
C ILE D 34 5.54 -10.59 6.93
N ALA D 35 6.50 -9.68 6.72
CA ALA D 35 7.85 -10.09 6.38
C ALA D 35 8.49 -10.90 7.49
N GLY D 36 8.29 -10.49 8.74
CA GLY D 36 8.81 -11.25 9.85
C GLY D 36 8.09 -12.57 10.07
N ASN D 37 6.82 -12.64 9.69
CA ASN D 37 6.12 -13.92 9.69
C ASN D 37 6.78 -14.87 8.70
N ALA D 38 7.10 -14.37 7.51
CA ALA D 38 7.82 -15.19 6.55
C ALA D 38 9.18 -15.61 7.11
N LEU D 39 9.89 -14.68 7.75
CA LEU D 39 11.21 -14.97 8.28
C LEU D 39 11.13 -16.04 9.38
N ILE D 40 10.18 -15.88 10.30
CA ILE D 40 10.01 -16.84 11.38
C ILE D 40 9.63 -18.21 10.84
N SER D 41 8.70 -18.24 9.87
CA SER D 41 8.30 -19.51 9.29
C SER D 41 9.47 -20.19 8.58
N GLY D 42 10.27 -19.41 7.86
CA GLY D 42 11.42 -19.99 7.18
C GLY D 42 12.46 -20.52 8.13
N ILE D 43 12.77 -19.75 9.19
CA ILE D 43 13.75 -20.21 10.17
C ILE D 43 13.22 -21.37 10.98
N ALA D 44 11.90 -21.53 11.09
CA ALA D 44 11.34 -22.75 11.65
C ALA D 44 11.55 -23.91 10.68
N ARG D 45 11.26 -23.70 9.40
CA ARG D 45 11.43 -24.74 8.39
C ARG D 45 12.89 -25.08 8.19
N GLN D 46 13.74 -24.06 7.99
CA GLN D 46 15.15 -24.25 7.64
C GLN D 46 16.01 -23.39 8.57
N PRO D 47 16.34 -23.90 9.76
CA PRO D 47 17.22 -23.12 10.65
C PRO D 47 18.55 -22.78 10.01
N GLU D 48 19.14 -23.71 9.26
CA GLU D 48 20.43 -23.45 8.62
C GLU D 48 20.34 -22.34 7.59
N ALA D 49 19.14 -22.02 7.11
CA ALA D 49 18.94 -20.94 6.16
C ALA D 49 18.78 -19.59 6.84
N GLN D 50 18.86 -19.55 8.18
CA GLN D 50 18.65 -18.29 8.90
C GLN D 50 19.36 -17.13 8.23
N GLY D 51 20.69 -17.21 8.11
CA GLY D 51 21.43 -16.13 7.48
C GLY D 51 20.98 -15.87 6.07
N ARG D 52 20.80 -16.92 5.27
CA ARG D 52 20.34 -16.73 3.90
C ARG D 52 18.97 -16.07 3.85
N LEU D 53 18.17 -16.18 4.91
CA LEU D 53 16.86 -15.55 4.94
C LEU D 53 16.91 -14.09 5.36
N PHE D 54 18.04 -13.61 5.89
CA PHE D 54 18.12 -12.23 6.32
C PHE D 54 18.41 -11.27 5.18
N THR D 55 18.83 -11.78 4.01
CA THR D 55 19.01 -10.90 2.86
C THR D 55 17.66 -10.49 2.27
N PRO D 56 16.78 -11.41 1.87
CA PRO D 56 15.46 -10.98 1.39
C PRO D 56 14.63 -10.27 2.45
N PHE D 57 14.90 -10.52 3.72
CA PHE D 57 14.16 -9.86 4.79
C PHE D 57 14.49 -8.37 4.83
N PHE D 58 15.77 -8.05 5.05
CA PHE D 58 16.16 -6.65 5.20
C PHE D 58 15.87 -5.85 3.93
N ILE D 59 15.87 -6.51 2.77
CA ILE D 59 15.43 -5.83 1.55
C ILE D 59 13.96 -5.45 1.67
N THR D 60 13.12 -6.43 2.03
CA THR D 60 11.70 -6.15 2.22
C THR D 60 11.50 -5.10 3.30
N VAL D 61 12.13 -5.29 4.45
CA VAL D 61 12.08 -4.28 5.50
C VAL D 61 12.65 -2.98 4.99
N GLY D 62 13.65 -3.04 4.12
CA GLY D 62 14.18 -1.82 3.54
C GLY D 62 13.16 -1.10 2.68
N LEU D 63 12.32 -1.85 1.98
CA LEU D 63 11.34 -1.23 1.11
C LEU D 63 10.22 -0.56 1.90
N VAL D 64 9.70 -1.23 2.93
CA VAL D 64 8.64 -0.64 3.74
C VAL D 64 9.19 0.49 4.60
N GLU D 65 10.32 0.24 5.28
CA GLU D 65 10.87 1.26 6.15
C GLU D 65 11.30 2.50 5.39
N ALA D 66 11.65 2.36 4.11
CA ALA D 66 11.87 3.54 3.29
C ALA D 66 10.59 4.35 3.19
N ALA D 67 9.49 3.71 2.79
CA ALA D 67 8.22 4.42 2.69
C ALA D 67 7.88 5.11 4.01
N TYR D 68 7.92 4.36 5.10
CA TYR D 68 7.68 4.94 6.41
C TYR D 68 8.53 6.19 6.61
N PHE D 69 9.84 6.08 6.34
CA PHE D 69 10.71 7.23 6.53
C PHE D 69 10.19 8.42 5.73
N ILE D 70 9.88 8.19 4.45
CA ILE D 70 9.35 9.27 3.63
C ILE D 70 8.12 9.87 4.31
N ASN D 71 7.20 9.01 4.73
CA ASN D 71 6.02 9.49 5.46
C ASN D 71 6.46 10.34 6.65
N LEU D 72 7.35 9.81 7.47
CA LEU D 72 7.77 10.55 8.65
C LEU D 72 8.37 11.89 8.27
N ALA D 73 9.01 11.98 7.10
CA ALA D 73 9.52 13.25 6.64
C ALA D 73 8.38 14.19 6.27
N PHE D 74 7.41 13.69 5.49
CA PHE D 74 6.37 14.58 4.98
C PHE D 74 5.50 15.10 6.10
N MET D 75 5.21 14.27 7.11
CA MET D 75 4.53 14.78 8.30
C MET D 75 5.32 15.92 8.92
N ALA D 76 6.64 15.74 9.03
CA ALA D 76 7.47 16.81 9.56
C ALA D 76 7.33 18.07 8.70
N LEU D 77 7.09 17.90 7.41
CA LEU D 77 6.81 19.06 6.56
C LEU D 77 5.44 19.64 6.89
N PHE D 78 4.43 18.79 7.07
CA PHE D 78 3.09 19.29 7.36
C PHE D 78 3.05 20.01 8.72
N VAL D 79 3.69 19.44 9.73
CA VAL D 79 3.48 19.89 11.10
C VAL D 79 4.35 21.10 11.42
N PHE D 80 5.65 21.02 11.10
CA PHE D 80 6.58 22.09 11.47
C PHE D 80 6.79 23.10 10.35
N ALA D 81 6.61 22.70 9.09
CA ALA D 81 6.87 23.55 7.94
C ALA D 81 5.66 23.57 7.01
N THR D 82 4.48 23.82 7.59
CA THR D 82 3.21 23.75 6.86
C THR D 82 3.36 24.44 5.50
N PRO D 83 3.38 23.66 4.41
CA PRO D 83 3.70 24.27 3.10
C PRO D 83 2.78 25.41 2.70
N GLY D 84 1.49 25.31 2.99
CA GLY D 84 0.55 26.32 2.57
C GLY D 84 0.36 27.43 3.56
N LEU D 85 1.23 27.49 4.56
CA LEU D 85 1.14 28.52 5.60
C LEU D 85 1.28 29.91 5.00
N PRO E 5 -8.57 31.19 18.18
CA PRO E 5 -7.58 30.64 17.26
C PRO E 5 -6.91 29.37 17.79
N ASN E 6 -6.41 29.43 19.02
CA ASN E 6 -5.77 28.26 19.61
C ASN E 6 -6.75 27.10 19.80
N ALA E 7 -8.04 27.38 19.91
CA ALA E 7 -9.02 26.30 20.05
C ALA E 7 -9.05 25.44 18.80
N ILE E 8 -9.05 26.07 17.62
CA ILE E 8 -9.06 25.30 16.37
C ILE E 8 -7.80 24.46 16.25
N ILE E 9 -6.66 25.05 16.57
CA ILE E 9 -5.39 24.32 16.48
C ILE E 9 -5.40 23.14 17.45
N THR E 10 -5.90 23.36 18.67
CA THR E 10 -5.93 22.28 19.65
C THR E 10 -6.86 21.16 19.22
N ALA E 11 -8.03 21.49 18.68
CA ALA E 11 -8.95 20.47 18.20
C ALA E 11 -8.32 19.68 17.05
N GLY E 12 -7.68 20.37 16.11
CA GLY E 12 -7.03 19.68 15.02
C GLY E 12 -5.90 18.80 15.50
N ALA E 13 -5.14 19.26 16.49
CA ALA E 13 -4.05 18.46 17.05
C ALA E 13 -4.59 17.22 17.76
N LEU E 14 -5.71 17.37 18.47
CA LEU E 14 -6.32 16.21 19.12
C LEU E 14 -6.79 15.20 18.10
N ILE E 15 -7.42 15.66 17.02
CA ILE E 15 -7.86 14.75 15.96
C ILE E 15 -6.66 14.07 15.31
N GLY E 16 -5.59 14.83 15.07
CA GLY E 16 -4.40 14.25 14.49
C GLY E 16 -3.75 13.20 15.38
N GLY E 17 -3.68 13.48 16.69
CA GLY E 17 -3.15 12.50 17.62
C GLY E 17 -4.02 11.27 17.70
N GLY E 18 -5.34 11.46 17.65
CA GLY E 18 -6.23 10.32 17.59
C GLY E 18 -5.98 9.46 16.37
N LEU E 19 -5.79 10.12 15.21
CA LEU E 19 -5.46 9.38 14.00
C LEU E 19 -4.12 8.65 14.14
N ILE E 20 -3.13 9.32 14.76
CA ILE E 20 -1.82 8.71 14.92
C ILE E 20 -1.91 7.45 15.76
N MET E 21 -2.61 7.54 16.90
CA MET E 21 -2.81 6.35 17.73
C MET E 21 -3.66 5.31 17.04
N GLY E 22 -4.67 5.70 16.28
CA GLY E 22 -5.45 4.70 15.57
C GLY E 22 -4.61 3.90 14.61
N GLY E 23 -3.81 4.61 13.80
CA GLY E 23 -2.94 3.91 12.86
C GLY E 23 -1.85 3.10 13.55
N GLY E 24 -1.25 3.67 14.59
CA GLY E 24 -0.22 2.94 15.32
C GLY E 24 -0.76 1.70 15.98
N ALA E 25 -1.95 1.79 16.58
CA ALA E 25 -2.57 0.63 17.22
C ALA E 25 -2.93 -0.42 16.18
N ILE E 26 -3.52 -0.01 15.05
CA ILE E 26 -3.85 -0.98 14.01
C ILE E 26 -2.58 -1.70 13.56
N GLY E 27 -1.54 -0.93 13.22
CA GLY E 27 -0.32 -1.55 12.72
C GLY E 27 0.34 -2.43 13.75
N ALA E 28 0.46 -1.94 14.98
CA ALA E 28 1.11 -2.72 16.03
C ALA E 28 0.34 -4.00 16.32
N GLY E 29 -0.97 -3.90 16.53
CA GLY E 29 -1.76 -5.07 16.83
C GLY E 29 -1.69 -6.10 15.71
N ILE E 30 -1.89 -5.66 14.47
CA ILE E 30 -1.96 -6.62 13.37
C ILE E 30 -0.58 -7.22 13.09
N GLY E 31 0.48 -6.40 13.10
CA GLY E 31 1.80 -6.92 12.87
C GLY E 31 2.26 -7.86 13.97
N ASP E 32 1.99 -7.51 15.23
CA ASP E 32 2.31 -8.39 16.34
C ASP E 32 1.51 -9.69 16.22
N GLY E 33 0.24 -9.60 15.84
CA GLY E 33 -0.53 -10.81 15.65
C GLY E 33 0.04 -11.70 14.57
N ILE E 34 0.48 -11.11 13.46
CA ILE E 34 1.04 -11.91 12.37
C ILE E 34 2.35 -12.56 12.79
N ALA E 35 3.23 -11.77 13.43
CA ALA E 35 4.50 -12.33 13.89
C ALA E 35 4.29 -13.42 14.93
N GLY E 36 3.36 -13.19 15.87
CA GLY E 36 3.04 -14.21 16.84
C GLY E 36 2.41 -15.43 16.22
N ASN E 37 1.63 -15.25 15.15
CA ASN E 37 1.09 -16.40 14.43
C ASN E 37 2.21 -17.24 13.86
N ALA E 38 3.19 -16.58 13.26
CA ALA E 38 4.36 -17.29 12.75
C ALA E 38 5.07 -18.03 13.87
N LEU E 39 5.27 -17.36 15.00
CA LEU E 39 5.99 -17.96 16.12
C LEU E 39 5.23 -19.17 16.68
N ILE E 40 3.92 -19.03 16.85
CA ILE E 40 3.11 -20.12 17.40
C ILE E 40 3.10 -21.30 16.44
N SER E 41 2.94 -21.04 15.15
CA SER E 41 2.96 -22.12 14.17
C SER E 41 4.31 -22.83 14.18
N GLY E 42 5.40 -22.07 14.23
CA GLY E 42 6.72 -22.68 14.25
C GLY E 42 6.93 -23.54 15.48
N ILE E 43 6.51 -23.04 16.65
CA ILE E 43 6.67 -23.82 17.87
C ILE E 43 5.79 -25.06 17.84
N ALA E 44 4.60 -24.95 17.26
CA ALA E 44 3.72 -26.10 17.14
C ALA E 44 4.32 -27.17 16.25
N ARG E 45 4.93 -26.75 15.13
CA ARG E 45 5.48 -27.72 14.19
C ARG E 45 6.65 -28.47 14.82
N GLN E 46 7.51 -27.77 15.58
CA GLN E 46 8.62 -28.43 16.25
C GLN E 46 8.99 -27.69 17.54
N PRO E 47 9.11 -28.40 18.67
CA PRO E 47 9.43 -27.69 19.93
C PRO E 47 10.82 -27.10 19.98
N GLU E 48 11.86 -27.85 19.56
CA GLU E 48 13.22 -27.38 19.76
C GLU E 48 13.51 -26.09 19.02
N ALA E 49 12.71 -25.75 18.01
CA ALA E 49 12.91 -24.50 17.28
C ALA E 49 12.62 -23.28 18.13
N GLN E 50 11.90 -23.43 19.23
CA GLN E 50 11.47 -22.27 20.01
C GLN E 50 12.64 -21.34 20.31
N GLY E 51 13.74 -21.91 20.79
CA GLY E 51 14.88 -21.09 21.16
C GLY E 51 15.33 -20.19 20.03
N ARG E 52 15.40 -20.72 18.82
CA ARG E 52 15.76 -19.89 17.68
C ARG E 52 14.61 -19.01 17.22
N LEU E 53 13.37 -19.50 17.33
CA LEU E 53 12.23 -18.76 16.79
C LEU E 53 11.98 -17.45 17.51
N PHE E 54 12.62 -17.24 18.66
CA PHE E 54 12.47 -15.99 19.38
C PHE E 54 13.44 -14.91 18.89
N THR E 55 14.45 -15.26 18.10
CA THR E 55 15.34 -14.23 17.58
C THR E 55 14.66 -13.50 16.42
N PRO E 56 14.16 -14.19 15.40
CA PRO E 56 13.40 -13.48 14.36
C PRO E 56 12.16 -12.79 14.88
N PHE E 57 11.53 -13.35 15.90
CA PHE E 57 10.32 -12.75 16.47
C PHE E 57 10.63 -11.39 17.07
N PHE E 58 11.53 -11.36 18.07
CA PHE E 58 11.85 -10.10 18.73
C PHE E 58 12.43 -9.07 17.75
N ILE E 59 13.05 -9.53 16.67
CA ILE E 59 13.43 -8.61 15.60
C ILE E 59 12.19 -8.01 14.97
N THR E 60 11.29 -8.86 14.46
CA THR E 60 10.07 -8.38 13.83
C THR E 60 9.27 -7.50 14.78
N VAL E 61 9.05 -7.99 16.01
CA VAL E 61 8.35 -7.19 17.01
C VAL E 61 9.07 -5.86 17.21
N GLY E 62 10.41 -5.90 17.25
CA GLY E 62 11.16 -4.67 17.40
C GLY E 62 10.87 -3.69 16.28
N LEU E 63 10.67 -4.20 15.06
CA LEU E 63 10.29 -3.33 13.96
C LEU E 63 8.84 -2.86 14.10
N VAL E 64 7.97 -3.73 14.61
CA VAL E 64 6.56 -3.37 14.72
C VAL E 64 6.32 -2.54 15.98
N GLU E 65 7.11 -2.74 17.03
CA GLU E 65 6.97 -1.94 18.23
C GLU E 65 7.64 -0.58 18.08
N ALA E 66 8.66 -0.48 17.24
CA ALA E 66 9.29 0.81 16.99
C ALA E 66 8.28 1.78 16.38
N ALA E 67 7.61 1.36 15.30
CA ALA E 67 6.65 2.23 14.65
C ALA E 67 5.63 2.76 15.63
N TYR E 68 4.99 1.85 16.39
CA TYR E 68 4.05 2.28 17.41
C TYR E 68 4.68 3.31 18.32
N PHE E 69 5.88 3.01 18.85
CA PHE E 69 6.54 3.94 19.74
C PHE E 69 6.69 5.30 19.07
N ILE E 70 7.13 5.31 17.81
CA ILE E 70 7.28 6.58 17.10
C ILE E 70 5.95 7.33 17.11
N ASN E 71 4.87 6.64 16.74
CA ASN E 71 3.56 7.27 16.82
C ASN E 71 3.26 7.68 18.25
N LEU E 72 3.53 6.79 19.21
CA LEU E 72 3.33 7.13 20.61
C LEU E 72 4.06 8.42 20.97
N ALA E 73 5.23 8.64 20.37
CA ALA E 73 5.96 9.87 20.64
C ALA E 73 5.25 11.06 20.02
N PHE E 74 4.85 10.93 18.75
CA PHE E 74 4.39 12.11 18.02
C PHE E 74 3.07 12.63 18.56
N MET E 75 2.17 11.74 18.99
CA MET E 75 0.98 12.23 19.67
C MET E 75 1.37 13.03 20.91
N ALA E 76 2.34 12.53 21.68
CA ALA E 76 2.82 13.30 22.82
C ALA E 76 3.27 14.69 22.39
N LEU E 77 3.79 14.80 21.18
CA LEU E 77 4.12 16.12 20.65
C LEU E 77 2.87 16.86 20.17
N PHE E 78 1.95 16.14 19.54
CA PHE E 78 0.77 16.80 18.98
C PHE E 78 -0.10 17.43 20.07
N VAL E 79 -0.31 16.71 21.16
CA VAL E 79 -1.29 17.15 22.16
C VAL E 79 -0.63 17.98 23.26
N PHE E 80 0.55 17.58 23.73
CA PHE E 80 1.20 18.29 24.82
C PHE E 80 2.09 19.43 24.35
N ALA E 81 2.60 19.35 23.12
CA ALA E 81 3.47 20.36 22.54
C ALA E 81 3.00 20.70 21.13
N THR E 82 1.70 20.95 20.99
CA THR E 82 1.07 21.16 19.69
C THR E 82 1.90 22.13 18.84
N PRO E 83 2.57 21.66 17.80
CA PRO E 83 3.33 22.57 16.93
C PRO E 83 2.41 23.57 16.24
N GLY E 84 2.91 24.79 16.06
CA GLY E 84 2.12 25.84 15.46
C GLY E 84 1.06 26.43 16.36
N LEU E 85 1.09 26.11 17.65
CA LEU E 85 0.09 26.63 18.59
C LEU E 85 0.42 28.06 18.98
N PRO F 5 -15.04 29.19 22.27
CA PRO F 5 -14.80 28.50 23.54
C PRO F 5 -14.08 27.16 23.35
N ASN F 6 -14.02 26.36 24.40
CA ASN F 6 -13.38 25.05 24.34
C ASN F 6 -14.34 23.95 23.91
N ALA F 7 -15.58 24.29 23.56
CA ALA F 7 -16.50 23.29 23.05
C ALA F 7 -15.97 22.64 21.78
N ILE F 8 -15.34 23.44 20.91
CA ILE F 8 -14.69 22.88 19.73
C ILE F 8 -13.55 21.96 20.15
N ILE F 9 -12.79 22.36 21.17
CA ILE F 9 -11.73 21.51 21.68
C ILE F 9 -12.31 20.20 22.21
N THR F 10 -13.44 20.26 22.91
CA THR F 10 -14.04 19.04 23.44
C THR F 10 -14.52 18.13 22.31
N ALA F 11 -15.14 18.71 21.28
CA ALA F 11 -15.58 17.90 20.15
C ALA F 11 -14.39 17.25 19.44
N GLY F 12 -13.30 18.01 19.26
CA GLY F 12 -12.11 17.43 18.66
C GLY F 12 -11.51 16.34 19.51
N ALA F 13 -11.52 16.52 20.82
CA ALA F 13 -11.02 15.48 21.73
C ALA F 13 -11.87 14.23 21.65
N LEU F 14 -13.19 14.39 21.58
CA LEU F 14 -14.07 13.24 21.44
C LEU F 14 -13.81 12.50 20.14
N ILE F 15 -13.66 13.24 19.03
CA ILE F 15 -13.36 12.60 17.75
C ILE F 15 -12.02 11.88 17.81
N GLY F 16 -11.02 12.53 18.42
CA GLY F 16 -9.71 11.90 18.52
C GLY F 16 -9.75 10.63 19.35
N GLY F 17 -10.41 10.66 20.50
CA GLY F 17 -10.53 9.46 21.31
C GLY F 17 -11.32 8.38 20.63
N GLY F 18 -12.33 8.76 19.86
CA GLY F 18 -13.04 7.78 19.05
C GLY F 18 -12.13 7.12 18.03
N LEU F 19 -11.27 7.91 17.39
CA LEU F 19 -10.29 7.33 16.48
C LEU F 19 -9.33 6.41 17.22
N ILE F 20 -8.89 6.80 18.42
CA ILE F 20 -7.97 5.97 19.19
C ILE F 20 -8.60 4.62 19.47
N MET F 21 -9.83 4.62 19.99
CA MET F 21 -10.51 3.36 20.27
C MET F 21 -10.80 2.57 19.01
N GLY F 22 -11.18 3.24 17.91
CA GLY F 22 -11.44 2.50 16.69
C GLY F 22 -10.20 1.77 16.20
N GLY F 23 -9.08 2.47 16.15
CA GLY F 23 -7.84 1.84 15.72
C GLY F 23 -7.38 0.76 16.68
N GLY F 24 -7.49 1.03 17.99
CA GLY F 24 -7.10 0.03 18.97
C GLY F 24 -7.96 -1.22 18.89
N ALA F 25 -9.27 -1.04 18.70
CA ALA F 25 -10.16 -2.19 18.56
C ALA F 25 -9.83 -2.98 17.31
N ILE F 26 -9.62 -2.28 16.19
CA ILE F 26 -9.27 -2.98 14.95
C ILE F 26 -7.99 -3.77 15.15
N GLY F 27 -6.95 -3.11 15.66
CA GLY F 27 -5.66 -3.78 15.83
C GLY F 27 -5.74 -4.95 16.79
N ALA F 28 -6.34 -4.74 17.96
CA ALA F 28 -6.43 -5.80 18.94
C ALA F 28 -7.23 -6.96 18.40
N GLY F 29 -8.44 -6.70 17.89
CA GLY F 29 -9.26 -7.78 17.39
C GLY F 29 -8.56 -8.57 16.30
N ILE F 30 -8.04 -7.89 15.28
CA ILE F 30 -7.45 -8.60 14.15
C ILE F 30 -6.17 -9.33 14.58
N GLY F 31 -5.31 -8.66 15.35
CA GLY F 31 -4.06 -9.29 15.74
C GLY F 31 -4.25 -10.49 16.65
N ASP F 32 -5.12 -10.37 17.66
CA ASP F 32 -5.35 -11.50 18.53
C ASP F 32 -6.18 -12.58 17.84
N GLY F 33 -6.98 -12.23 16.84
CA GLY F 33 -7.62 -13.25 16.03
C GLY F 33 -6.61 -14.02 15.19
N ILE F 34 -5.59 -13.33 14.67
CA ILE F 34 -4.53 -14.02 13.95
C ILE F 34 -3.74 -14.93 14.89
N ALA F 35 -3.41 -14.42 16.08
CA ALA F 35 -2.70 -15.25 17.05
C ALA F 35 -3.52 -16.45 17.46
N GLY F 36 -4.83 -16.26 17.67
CA GLY F 36 -5.70 -17.37 17.98
C GLY F 36 -5.85 -18.33 16.83
N ASN F 37 -5.82 -17.84 15.59
CA ASN F 37 -5.79 -18.72 14.44
C ASN F 37 -4.57 -19.63 14.50
N ALA F 38 -3.41 -19.05 14.80
CA ALA F 38 -2.20 -19.85 14.94
C ALA F 38 -2.35 -20.87 16.06
N LEU F 39 -2.90 -20.45 17.21
CA LEU F 39 -3.05 -21.35 18.34
C LEU F 39 -3.98 -22.50 18.00
N ILE F 40 -5.12 -22.21 17.37
CA ILE F 40 -6.08 -23.24 17.02
C ILE F 40 -5.48 -24.19 15.99
N SER F 41 -4.78 -23.66 14.99
CA SER F 41 -4.16 -24.53 13.99
C SER F 41 -3.11 -25.42 14.63
N GLY F 42 -2.31 -24.87 15.55
CA GLY F 42 -1.30 -25.69 16.21
C GLY F 42 -1.91 -26.78 17.07
N ILE F 43 -2.98 -26.46 17.79
CA ILE F 43 -3.63 -27.47 18.62
C ILE F 43 -4.30 -28.53 17.75
N ALA F 44 -4.90 -28.11 16.63
CA ALA F 44 -5.53 -29.08 15.73
C ALA F 44 -4.50 -30.01 15.12
N ARG F 45 -3.35 -29.48 14.70
CA ARG F 45 -2.30 -30.29 14.11
C ARG F 45 -1.51 -31.06 15.15
N GLN F 46 -1.61 -30.70 16.42
CA GLN F 46 -0.89 -31.38 17.49
C GLN F 46 -1.65 -31.16 18.79
N PRO F 47 -2.74 -31.89 19.01
CA PRO F 47 -3.59 -31.61 20.19
C PRO F 47 -2.88 -31.76 21.52
N GLU F 48 -1.77 -32.49 21.58
CA GLU F 48 -1.05 -32.68 22.83
C GLU F 48 -0.18 -31.48 23.20
N ALA F 49 -0.03 -30.51 22.30
CA ALA F 49 0.85 -29.37 22.52
C ALA F 49 0.13 -28.16 23.10
N GLN F 50 -1.16 -28.27 23.41
CA GLN F 50 -1.95 -27.11 23.82
C GLN F 50 -1.18 -26.23 24.81
N GLY F 51 -0.83 -26.79 25.97
CA GLY F 51 -0.17 -25.99 26.99
C GLY F 51 1.10 -25.34 26.45
N ARG F 52 1.92 -26.11 25.73
CA ARG F 52 3.10 -25.54 25.10
C ARG F 52 2.75 -24.28 24.33
N LEU F 53 1.79 -24.37 23.41
CA LEU F 53 1.48 -23.23 22.55
C LEU F 53 1.01 -22.03 23.33
N PHE F 54 0.55 -22.22 24.57
CA PHE F 54 0.07 -21.09 25.34
C PHE F 54 1.19 -20.17 25.79
N THR F 55 2.46 -20.60 25.69
CA THR F 55 3.55 -19.69 26.01
C THR F 55 3.74 -18.63 24.93
N PRO F 56 4.05 -18.98 23.68
CA PRO F 56 4.16 -17.93 22.65
C PRO F 56 2.86 -17.18 22.44
N PHE F 57 1.72 -17.88 22.46
CA PHE F 57 0.44 -17.23 22.26
C PHE F 57 0.28 -16.04 23.19
N PHE F 58 0.32 -16.29 24.49
CA PHE F 58 0.13 -15.21 25.45
C PHE F 58 1.22 -14.16 25.36
N ILE F 59 2.35 -14.47 24.72
CA ILE F 59 3.34 -13.44 24.44
C ILE F 59 2.81 -12.48 23.39
N THR F 60 2.40 -13.02 22.23
CA THR F 60 1.90 -12.15 21.17
C THR F 60 0.60 -11.47 21.58
N VAL F 61 -0.30 -12.21 22.21
CA VAL F 61 -1.50 -11.59 22.76
C VAL F 61 -1.12 -10.58 23.82
N GLY F 62 0.01 -10.78 24.49
CA GLY F 62 0.51 -9.76 25.40
C GLY F 62 0.94 -8.51 24.67
N LEU F 63 1.54 -8.66 23.50
CA LEU F 63 1.91 -7.49 22.69
C LEU F 63 0.69 -6.87 22.04
N VAL F 64 -0.23 -7.71 21.55
CA VAL F 64 -1.40 -7.19 20.85
C VAL F 64 -2.35 -6.51 21.83
N GLU F 65 -2.56 -7.11 23.00
CA GLU F 65 -3.48 -6.53 23.97
C GLU F 65 -2.84 -5.39 24.76
N ALA F 66 -1.51 -5.30 24.78
CA ALA F 66 -0.88 -4.13 25.37
C ALA F 66 -1.18 -2.88 24.55
N ALA F 67 -1.00 -2.97 23.23
CA ALA F 67 -1.30 -1.83 22.36
C ALA F 67 -2.71 -1.32 22.60
N TYR F 68 -3.67 -2.23 22.76
CA TYR F 68 -5.03 -1.80 23.08
C TYR F 68 -5.05 -1.01 24.38
N PHE F 69 -4.49 -1.57 25.45
CA PHE F 69 -4.58 -0.92 26.75
C PHE F 69 -3.95 0.46 26.71
N ILE F 70 -2.79 0.58 26.07
CA ILE F 70 -2.13 1.88 25.95
C ILE F 70 -3.08 2.85 25.26
N ASN F 71 -3.71 2.42 24.17
CA ASN F 71 -4.71 3.27 23.53
C ASN F 71 -5.85 3.56 24.47
N LEU F 72 -6.30 2.55 25.21
CA LEU F 72 -7.33 2.78 26.23
C LEU F 72 -6.85 3.77 27.28
N ALA F 73 -5.54 3.83 27.53
CA ALA F 73 -5.01 4.78 28.50
C ALA F 73 -4.99 6.19 27.94
N PHE F 74 -5.07 6.35 26.62
CA PHE F 74 -4.96 7.66 26.00
C PHE F 74 -6.31 8.24 25.61
N MET F 75 -7.23 7.42 25.11
CA MET F 75 -8.60 7.91 24.92
C MET F 75 -9.16 8.48 26.22
N ALA F 76 -8.97 7.75 27.32
CA ALA F 76 -9.36 8.27 28.62
C ALA F 76 -8.69 9.61 28.88
N LEU F 77 -7.41 9.73 28.53
CA LEU F 77 -6.71 11.01 28.67
C LEU F 77 -7.34 12.06 27.77
N PHE F 78 -7.75 11.68 26.55
CA PHE F 78 -8.29 12.64 25.61
C PHE F 78 -9.62 13.20 26.09
N VAL F 79 -10.56 12.33 26.46
CA VAL F 79 -11.92 12.78 26.72
C VAL F 79 -12.12 13.23 28.16
N PHE F 80 -11.41 12.64 29.11
CA PHE F 80 -11.58 13.00 30.51
C PHE F 80 -10.63 14.12 30.94
N ALA F 81 -9.42 14.16 30.39
CA ALA F 81 -8.46 15.22 30.68
C ALA F 81 -8.36 16.25 29.58
N THR F 82 -8.34 15.82 28.32
CA THR F 82 -8.24 16.74 27.20
C THR F 82 -7.05 17.67 27.40
N PRO F 83 -5.82 17.19 27.20
CA PRO F 83 -4.64 17.97 27.63
C PRO F 83 -4.61 19.38 27.09
N GLY F 84 -5.08 19.61 25.87
CA GLY F 84 -5.07 20.94 25.28
C GLY F 84 -6.19 21.84 25.72
N LEU F 85 -7.10 21.37 26.56
CA LEU F 85 -8.23 22.18 27.01
C LEU F 85 -7.76 23.47 27.67
N PRO G 5 -23.25 25.58 22.06
CA PRO G 5 -21.99 24.96 22.51
C PRO G 5 -22.15 23.46 22.77
N ASN G 6 -23.31 23.06 23.29
CA ASN G 6 -23.54 21.64 23.52
C ASN G 6 -23.83 20.90 22.23
N ALA G 7 -24.34 21.60 21.21
CA ALA G 7 -24.59 20.94 19.93
C ALA G 7 -23.30 20.48 19.27
N ILE G 8 -22.25 21.30 19.33
CA ILE G 8 -20.98 20.92 18.73
C ILE G 8 -20.40 19.71 19.44
N ILE G 9 -20.43 19.73 20.78
CA ILE G 9 -19.90 18.60 21.54
C ILE G 9 -20.71 17.35 21.27
N THR G 10 -22.03 17.50 21.13
CA THR G 10 -22.88 16.35 20.86
C THR G 10 -22.57 15.75 19.49
N ALA G 11 -22.39 16.60 18.47
CA ALA G 11 -22.03 16.09 17.15
C ALA G 11 -20.67 15.41 17.17
N GLY G 12 -19.71 16.01 17.87
CA GLY G 12 -18.39 15.38 17.99
C GLY G 12 -18.47 14.05 18.71
N ALA G 13 -19.31 13.96 19.74
CA ALA G 13 -19.47 12.71 20.47
C ALA G 13 -20.14 11.65 19.59
N LEU G 14 -21.11 12.05 18.79
CA LEU G 14 -21.75 11.11 17.87
C LEU G 14 -20.73 10.58 16.86
N ILE G 15 -19.90 11.47 16.31
CA ILE G 15 -18.88 11.02 15.36
C ILE G 15 -17.87 10.11 16.05
N GLY G 16 -17.47 10.46 17.28
CA GLY G 16 -16.52 9.63 18.00
C GLY G 16 -17.08 8.25 18.33
N GLY G 17 -18.35 8.19 18.73
CA GLY G 17 -18.97 6.89 18.98
C GLY G 17 -19.12 6.09 17.70
N GLY G 18 -19.44 6.76 16.60
CA GLY G 18 -19.48 6.07 15.33
C GLY G 18 -18.13 5.48 14.97
N LEU G 19 -17.05 6.23 15.20
CA LEU G 19 -15.71 5.70 14.98
C LEU G 19 -15.43 4.52 15.92
N ILE G 20 -15.83 4.64 17.18
CA ILE G 20 -15.58 3.59 18.14
C ILE G 20 -16.21 2.29 17.69
N MET G 21 -17.50 2.34 17.34
CA MET G 21 -18.16 1.11 16.92
C MET G 21 -17.74 0.67 15.54
N GLY G 22 -17.36 1.59 14.65
CA GLY G 22 -16.83 1.15 13.36
C GLY G 22 -15.57 0.33 13.54
N GLY G 23 -14.64 0.83 14.34
CA GLY G 23 -13.43 0.06 14.61
C GLY G 23 -13.73 -1.22 15.37
N GLY G 24 -14.62 -1.16 16.35
CA GLY G 24 -14.96 -2.35 17.10
C GLY G 24 -15.59 -3.42 16.24
N ALA G 25 -16.52 -3.03 15.36
CA ALA G 25 -17.15 -3.99 14.47
C ALA G 25 -16.16 -4.54 13.46
N ILE G 26 -15.29 -3.70 12.91
CA ILE G 26 -14.27 -4.20 11.97
C ILE G 26 -13.41 -5.24 12.66
N GLY G 27 -12.88 -4.89 13.85
CA GLY G 27 -12.03 -5.83 14.56
C GLY G 27 -12.76 -7.10 14.93
N ALA G 28 -13.98 -6.97 15.46
CA ALA G 28 -14.73 -8.14 15.88
C ALA G 28 -15.01 -9.05 14.70
N GLY G 29 -15.54 -8.48 13.60
CA GLY G 29 -15.86 -9.30 12.45
C GLY G 29 -14.64 -10.01 11.88
N ILE G 30 -13.55 -9.25 11.68
CA ILE G 30 -12.39 -9.84 11.02
C ILE G 30 -11.70 -10.85 11.95
N GLY G 31 -11.56 -10.53 13.23
CA GLY G 31 -10.93 -11.45 14.16
C GLY G 31 -11.76 -12.71 14.37
N ASP G 32 -13.08 -12.56 14.50
CA ASP G 32 -13.95 -13.72 14.61
C ASP G 32 -13.88 -14.56 13.34
N GLY G 33 -13.83 -13.91 12.17
CA GLY G 33 -13.69 -14.66 10.94
C GLY G 33 -12.39 -15.44 10.88
N ILE G 34 -11.30 -14.83 11.33
CA ILE G 34 -10.01 -15.50 11.30
C ILE G 34 -9.99 -16.68 12.27
N ALA G 35 -10.48 -16.46 13.49
CA ALA G 35 -10.54 -17.54 14.47
C ALA G 35 -11.46 -18.66 13.99
N GLY G 36 -12.59 -18.31 13.40
CA GLY G 36 -13.47 -19.32 12.84
C GLY G 36 -12.89 -20.04 11.65
N ASN G 37 -12.09 -19.35 10.85
CA ASN G 37 -11.33 -20.02 9.79
C ASN G 37 -10.42 -21.08 10.38
N ALA G 38 -9.70 -20.72 11.44
CA ALA G 38 -8.85 -21.69 12.12
C ALA G 38 -9.67 -22.88 12.61
N LEU G 39 -10.80 -22.59 13.26
CA LEU G 39 -11.62 -23.65 13.84
C LEU G 39 -12.17 -24.57 12.76
N ILE G 40 -12.72 -24.00 11.69
CA ILE G 40 -13.31 -24.80 10.62
C ILE G 40 -12.24 -25.63 9.94
N SER G 41 -11.08 -25.04 9.64
CA SER G 41 -10.03 -25.80 8.99
C SER G 41 -9.51 -26.92 9.87
N GLY G 42 -9.37 -26.66 11.17
CA GLY G 42 -8.92 -27.70 12.07
C GLY G 42 -9.92 -28.82 12.24
N ILE G 43 -11.20 -28.48 12.31
CA ILE G 43 -12.24 -29.51 12.41
C ILE G 43 -12.30 -30.33 11.12
N ALA G 44 -12.09 -29.68 9.98
CA ALA G 44 -12.01 -30.42 8.72
C ALA G 44 -10.83 -31.36 8.70
N ARG G 45 -9.66 -30.89 9.16
CA ARG G 45 -8.45 -31.70 9.12
C ARG G 45 -8.40 -32.71 10.25
N GLN G 46 -8.85 -32.34 11.45
CA GLN G 46 -8.76 -33.18 12.64
C GLN G 46 -10.12 -33.19 13.33
N PRO G 47 -11.11 -33.85 12.72
CA PRO G 47 -12.46 -33.81 13.30
C PRO G 47 -12.54 -34.35 14.72
N GLU G 48 -11.73 -35.36 15.06
CA GLU G 48 -11.80 -35.95 16.38
C GLU G 48 -11.39 -34.97 17.47
N ALA G 49 -10.58 -33.96 17.14
CA ALA G 49 -10.12 -32.97 18.09
C ALA G 49 -11.06 -31.79 18.22
N GLN G 50 -12.32 -31.95 17.80
CA GLN G 50 -13.25 -30.82 17.80
C GLN G 50 -13.34 -30.18 19.17
N GLY G 51 -13.42 -30.99 20.22
CA GLY G 51 -13.50 -30.43 21.57
C GLY G 51 -12.24 -29.66 21.95
N ARG G 52 -11.08 -30.26 21.70
CA ARG G 52 -9.82 -29.60 22.08
C ARG G 52 -9.60 -28.31 21.30
N LEU G 53 -10.28 -28.12 20.17
CA LEU G 53 -10.17 -26.88 19.42
C LEU G 53 -11.04 -25.77 19.99
N PHE G 54 -11.96 -26.07 20.89
CA PHE G 54 -12.88 -25.05 21.38
C PHE G 54 -12.28 -24.25 22.53
N THR G 55 -11.39 -24.85 23.32
CA THR G 55 -10.69 -24.08 24.35
C THR G 55 -9.85 -22.96 23.75
N PRO G 56 -8.99 -23.22 22.75
CA PRO G 56 -8.26 -22.11 22.11
C PRO G 56 -9.14 -21.21 21.27
N PHE G 57 -10.34 -21.67 20.90
CA PHE G 57 -11.22 -20.85 20.08
C PHE G 57 -11.95 -19.81 20.95
N PHE G 58 -12.73 -20.28 21.93
CA PHE G 58 -13.47 -19.36 22.78
C PHE G 58 -12.55 -18.41 23.50
N ILE G 59 -11.31 -18.82 23.77
CA ILE G 59 -10.32 -17.89 24.31
C ILE G 59 -10.11 -16.74 23.32
N THR G 60 -9.71 -17.09 22.08
CA THR G 60 -9.48 -16.07 21.06
C THR G 60 -10.72 -15.22 20.86
N VAL G 61 -11.86 -15.86 20.60
CA VAL G 61 -13.11 -15.12 20.48
C VAL G 61 -13.35 -14.32 21.75
N GLY G 62 -13.09 -14.95 22.91
CA GLY G 62 -13.27 -14.23 24.17
C GLY G 62 -12.47 -12.95 24.21
N LEU G 63 -11.25 -12.98 23.65
CA LEU G 63 -10.49 -11.75 23.51
C LEU G 63 -11.17 -10.81 22.53
N VAL G 64 -11.50 -11.30 21.34
CA VAL G 64 -12.08 -10.44 20.32
C VAL G 64 -13.38 -9.83 20.82
N GLU G 65 -14.28 -10.67 21.33
CA GLU G 65 -15.56 -10.17 21.84
C GLU G 65 -15.36 -9.22 23.01
N ALA G 66 -14.25 -9.35 23.74
CA ALA G 66 -13.95 -8.37 24.77
C ALA G 66 -13.66 -7.01 24.13
N ALA G 67 -12.77 -6.99 23.14
CA ALA G 67 -12.40 -5.73 22.49
C ALA G 67 -13.64 -5.02 21.98
N TYR G 68 -14.54 -5.76 21.31
CA TYR G 68 -15.79 -5.17 20.87
C TYR G 68 -16.57 -4.62 22.06
N PHE G 69 -16.80 -5.45 23.09
CA PHE G 69 -17.68 -5.05 24.18
C PHE G 69 -17.21 -3.76 24.81
N ILE G 70 -15.93 -3.71 25.21
CA ILE G 70 -15.37 -2.48 25.76
C ILE G 70 -15.73 -1.30 24.87
N ASN G 71 -15.42 -1.41 23.59
CA ASN G 71 -15.71 -0.31 22.66
C ASN G 71 -17.18 0.08 22.76
N LEU G 72 -18.07 -0.91 22.64
CA LEU G 72 -19.49 -0.61 22.74
C LEU G 72 -19.77 0.19 24.01
N ALA G 73 -19.27 -0.29 25.14
CA ALA G 73 -19.50 0.42 26.40
C ALA G 73 -19.09 1.88 26.26
N PHE G 74 -17.87 2.12 25.77
CA PHE G 74 -17.41 3.50 25.67
C PHE G 74 -18.26 4.30 24.70
N MET G 75 -18.73 3.65 23.63
CA MET G 75 -19.64 4.35 22.73
C MET G 75 -20.84 4.87 23.49
N ALA G 76 -21.42 4.05 24.36
CA ALA G 76 -22.49 4.52 25.23
C ALA G 76 -22.03 5.73 26.03
N LEU G 77 -20.88 5.60 26.70
CA LEU G 77 -20.35 6.72 27.46
C LEU G 77 -20.16 7.95 26.59
N PHE G 78 -19.91 7.74 25.30
CA PHE G 78 -19.74 8.89 24.40
C PHE G 78 -21.07 9.54 24.07
N VAL G 79 -22.11 8.74 23.87
CA VAL G 79 -23.36 9.24 23.30
C VAL G 79 -24.38 9.59 24.38
N PHE G 80 -24.45 8.79 25.44
CA PHE G 80 -25.41 9.03 26.53
C PHE G 80 -24.82 9.84 27.67
N ALA G 81 -23.53 9.63 27.97
CA ALA G 81 -22.87 10.34 29.05
C ALA G 81 -21.68 11.13 28.52
N THR G 82 -21.89 11.86 27.42
CA THR G 82 -20.82 12.56 26.73
C THR G 82 -19.93 13.32 27.70
N PRO G 83 -18.67 12.89 27.89
CA PRO G 83 -17.77 13.64 28.77
C PRO G 83 -17.54 15.06 28.27
N GLY G 84 -17.42 15.99 29.20
CA GLY G 84 -17.19 17.37 28.85
C GLY G 84 -18.40 18.11 28.32
N LEU G 85 -19.58 17.52 28.41
CA LEU G 85 -20.80 18.15 27.90
C LEU G 85 -21.36 19.12 28.93
N PRO H 5 -29.25 24.35 16.09
CA PRO H 5 -28.50 23.40 16.91
C PRO H 5 -28.82 21.95 16.55
N ASN H 6 -30.09 21.68 16.29
CA ASN H 6 -30.50 20.31 15.93
C ASN H 6 -29.87 19.88 14.62
N ALA H 7 -29.63 20.82 13.69
CA ALA H 7 -29.03 20.46 12.41
C ALA H 7 -27.62 19.92 12.60
N ILE H 8 -26.82 20.57 13.46
CA ILE H 8 -25.46 20.11 13.69
C ILE H 8 -25.46 18.71 14.28
N ILE H 9 -26.32 18.48 15.27
CA ILE H 9 -26.39 17.16 15.90
C ILE H 9 -26.87 16.12 14.91
N THR H 10 -27.84 16.47 14.05
CA THR H 10 -28.33 15.53 13.06
C THR H 10 -27.24 15.16 12.05
N ALA H 11 -26.48 16.15 11.59
CA ALA H 11 -25.39 15.86 10.66
C ALA H 11 -24.33 14.98 11.31
N GLY H 12 -23.97 15.30 12.56
CA GLY H 12 -23.00 14.47 13.27
C GLY H 12 -23.50 13.05 13.47
N ALA H 13 -24.79 12.90 13.79
CA ALA H 13 -25.37 11.57 13.97
C ALA H 13 -25.40 10.80 12.67
N LEU H 14 -25.69 11.48 11.56
CA LEU H 14 -25.66 10.81 10.25
C LEU H 14 -24.25 10.34 9.93
N ILE H 15 -23.25 11.19 10.18
CA ILE H 15 -21.86 10.77 9.92
C ILE H 15 -21.48 9.60 10.82
N GLY H 16 -21.88 9.65 12.09
CA GLY H 16 -21.55 8.55 13.00
C GLY H 16 -22.24 7.25 12.62
N GLY H 17 -23.50 7.32 12.21
CA GLY H 17 -24.19 6.13 11.76
C GLY H 17 -23.59 5.58 10.48
N GLY H 18 -23.17 6.47 9.58
CA GLY H 18 -22.46 6.01 8.40
C GLY H 18 -21.15 5.33 8.74
N LEU H 19 -20.44 5.86 9.74
CA LEU H 19 -19.23 5.19 10.22
C LEU H 19 -19.55 3.82 10.79
N ILE H 20 -20.61 3.72 11.58
CA ILE H 20 -20.98 2.44 12.18
C ILE H 20 -21.30 1.42 11.09
N MET H 21 -22.07 1.83 10.08
CA MET H 21 -22.40 0.93 8.98
C MET H 21 -21.19 0.58 8.15
N GLY H 22 -20.29 1.54 7.91
CA GLY H 22 -19.09 1.21 7.15
C GLY H 22 -18.24 0.18 7.87
N GLY H 23 -18.02 0.38 9.17
CA GLY H 23 -17.26 -0.59 9.93
C GLY H 23 -17.94 -1.93 10.02
N GLY H 24 -19.26 -1.94 10.27
CA GLY H 24 -19.98 -3.19 10.34
C GLY H 24 -19.97 -3.94 9.01
N ALA H 25 -20.13 -3.21 7.91
CA ALA H 25 -20.10 -3.84 6.60
C ALA H 25 -18.72 -4.41 6.29
N ILE H 26 -17.67 -3.63 6.58
CA ILE H 26 -16.31 -4.13 6.34
C ILE H 26 -16.09 -5.40 7.16
N GLY H 27 -16.38 -5.35 8.46
CA GLY H 27 -16.13 -6.49 9.31
C GLY H 27 -16.97 -7.70 8.89
N ALA H 28 -18.25 -7.49 8.64
CA ALA H 28 -19.14 -8.58 8.26
C ALA H 28 -18.69 -9.21 6.95
N GLY H 29 -18.46 -8.38 5.93
CA GLY H 29 -18.05 -8.93 4.65
C GLY H 29 -16.75 -9.71 4.74
N ILE H 30 -15.74 -9.12 5.39
CA ILE H 30 -14.44 -9.78 5.42
C ILE H 30 -14.47 -11.03 6.29
N GLY H 31 -15.14 -10.96 7.44
CA GLY H 31 -15.22 -12.13 8.30
C GLY H 31 -16.04 -13.26 7.70
N ASP H 32 -17.16 -12.92 7.06
CA ASP H 32 -17.94 -13.92 6.35
C ASP H 32 -17.14 -14.52 5.22
N GLY H 33 -16.37 -13.70 4.49
CA GLY H 33 -15.53 -14.23 3.44
C GLY H 33 -14.47 -15.18 3.97
N ILE H 34 -13.86 -14.84 5.10
CA ILE H 34 -12.83 -15.69 5.67
C ILE H 34 -13.41 -17.01 6.16
N ALA H 35 -14.53 -16.94 6.88
CA ALA H 35 -15.18 -18.16 7.36
C ALA H 35 -15.63 -19.03 6.18
N GLY H 36 -16.21 -18.41 5.16
CA GLY H 36 -16.62 -19.17 3.98
C GLY H 36 -15.46 -19.71 3.20
N ASN H 37 -14.32 -19.03 3.22
CA ASN H 37 -13.11 -19.58 2.61
C ASN H 37 -12.70 -20.85 3.35
N ALA H 38 -12.74 -20.82 4.67
CA ALA H 38 -12.45 -22.02 5.44
C ALA H 38 -13.42 -23.14 5.08
N LEU H 39 -14.71 -22.81 5.02
CA LEU H 39 -15.72 -23.82 4.72
C LEU H 39 -15.52 -24.40 3.32
N ILE H 40 -15.26 -23.54 2.33
CA ILE H 40 -15.08 -23.99 0.96
C ILE H 40 -13.86 -24.87 0.83
N SER H 41 -12.75 -24.49 1.47
CA SER H 41 -11.56 -25.34 1.41
C SER H 41 -11.80 -26.68 2.09
N GLY H 42 -12.45 -26.68 3.26
CA GLY H 42 -12.72 -27.92 3.95
C GLY H 42 -13.64 -28.84 3.15
N ILE H 43 -14.61 -28.25 2.45
CA ILE H 43 -15.54 -29.07 1.67
C ILE H 43 -14.90 -29.50 0.36
N ALA H 44 -13.93 -28.74 -0.15
CA ALA H 44 -13.19 -29.16 -1.32
C ALA H 44 -12.33 -30.38 -1.00
N ARG H 45 -11.57 -30.33 0.10
CA ARG H 45 -10.70 -31.44 0.44
C ARG H 45 -11.42 -32.56 1.17
N GLN H 46 -12.56 -32.28 1.80
CA GLN H 46 -13.34 -33.29 2.51
C GLN H 46 -14.79 -33.19 2.06
N PRO H 47 -15.12 -33.74 0.88
CA PRO H 47 -16.48 -33.57 0.36
C PRO H 47 -17.57 -34.01 1.31
N GLU H 48 -17.36 -35.11 2.03
CA GLU H 48 -18.38 -35.63 2.94
C GLU H 48 -18.38 -34.93 4.29
N ALA H 49 -17.42 -34.05 4.54
CA ALA H 49 -17.30 -33.39 5.84
C ALA H 49 -18.16 -32.14 5.95
N GLN H 50 -18.75 -31.66 4.85
CA GLN H 50 -19.43 -30.38 4.88
C GLN H 50 -20.42 -30.30 6.03
N GLY H 51 -21.20 -31.36 6.24
CA GLY H 51 -22.11 -31.37 7.37
C GLY H 51 -21.44 -30.91 8.66
N ARG H 52 -20.41 -31.62 9.10
CA ARG H 52 -19.75 -31.24 10.34
C ARG H 52 -19.23 -29.80 10.24
N LEU H 53 -18.70 -29.43 9.09
CA LEU H 53 -18.12 -28.10 8.92
C LEU H 53 -19.16 -27.01 9.07
N PHE H 54 -20.43 -27.32 8.83
CA PHE H 54 -21.46 -26.31 8.98
C PHE H 54 -21.73 -25.97 10.43
N THR H 55 -21.26 -26.81 11.37
CA THR H 55 -21.42 -26.47 12.79
C THR H 55 -20.53 -25.30 13.17
N PRO H 56 -19.20 -25.41 13.12
CA PRO H 56 -18.37 -24.24 13.46
C PRO H 56 -18.62 -23.05 12.56
N PHE H 57 -18.87 -23.27 11.27
CA PHE H 57 -19.06 -22.17 10.35
C PHE H 57 -20.20 -21.27 10.81
N PHE H 58 -21.37 -21.84 11.05
CA PHE H 58 -22.49 -21.04 11.52
C PHE H 58 -22.20 -20.41 12.87
N ILE H 59 -21.35 -21.04 13.68
CA ILE H 59 -20.90 -20.38 14.90
C ILE H 59 -20.10 -19.14 14.55
N THR H 60 -19.12 -19.28 13.66
CA THR H 60 -18.32 -18.14 13.24
C THR H 60 -19.19 -17.08 12.60
N VAL H 61 -20.00 -17.47 11.61
CA VAL H 61 -20.93 -16.53 10.99
C VAL H 61 -21.90 -15.98 12.03
N GLY H 62 -22.16 -16.76 13.09
CA GLY H 62 -22.96 -16.24 14.18
C GLY H 62 -22.31 -15.05 14.86
N LEU H 63 -21.01 -15.16 15.14
CA LEU H 63 -20.32 -14.05 15.81
C LEU H 63 -20.11 -12.88 14.86
N VAL H 64 -20.06 -13.15 13.56
CA VAL H 64 -19.84 -12.07 12.59
C VAL H 64 -21.16 -11.34 12.31
N GLU H 65 -22.14 -12.05 11.77
CA GLU H 65 -23.44 -11.43 11.50
C GLU H 65 -24.04 -10.80 12.75
N ALA H 66 -23.70 -11.31 13.93
CA ALA H 66 -24.15 -10.68 15.17
C ALA H 66 -23.63 -9.26 15.27
N ALA H 67 -22.31 -9.09 15.15
CA ALA H 67 -21.72 -7.76 15.28
C ALA H 67 -22.37 -6.79 14.31
N TYR H 68 -22.41 -7.16 13.04
CA TYR H 68 -23.12 -6.35 12.04
C TYR H 68 -24.48 -5.94 12.57
N PHE H 69 -25.29 -6.92 12.97
CA PHE H 69 -26.64 -6.61 13.43
C PHE H 69 -26.60 -5.57 14.54
N ILE H 70 -25.72 -5.76 15.52
CA ILE H 70 -25.64 -4.81 16.62
C ILE H 70 -25.35 -3.41 16.07
N ASN H 71 -24.36 -3.32 15.17
CA ASN H 71 -24.10 -2.05 14.51
C ASN H 71 -25.36 -1.54 13.82
N LEU H 72 -26.02 -2.41 13.05
CA LEU H 72 -27.23 -2.01 12.34
C LEU H 72 -28.25 -1.45 13.32
N ALA H 73 -28.30 -1.99 14.54
CA ALA H 73 -29.22 -1.45 15.54
C ALA H 73 -28.81 -0.04 15.94
N PHE H 74 -27.54 0.15 16.32
CA PHE H 74 -27.14 1.41 16.94
C PHE H 74 -27.16 2.55 15.93
N MET H 75 -26.81 2.27 14.68
CA MET H 75 -26.98 3.29 13.65
C MET H 75 -28.41 3.80 13.62
N ALA H 76 -29.39 2.90 13.72
CA ALA H 76 -30.78 3.36 13.83
C ALA H 76 -30.93 4.26 15.06
N LEU H 77 -30.41 3.81 16.20
CA LEU H 77 -30.43 4.65 17.39
C LEU H 77 -29.72 5.97 17.15
N PHE H 78 -28.71 5.98 16.28
CA PHE H 78 -28.04 7.24 15.95
C PHE H 78 -28.89 8.08 15.01
N VAL H 79 -29.59 7.45 14.09
CA VAL H 79 -30.22 8.18 12.98
C VAL H 79 -31.67 8.53 13.30
N PHE H 80 -32.43 7.57 13.83
CA PHE H 80 -33.84 7.81 14.11
C PHE H 80 -34.07 8.27 15.55
N ALA H 81 -33.26 7.80 16.49
CA ALA H 81 -33.42 8.15 17.90
C ALA H 81 -32.15 8.83 18.41
N THR H 82 -31.62 9.80 17.66
CA THR H 82 -30.36 10.47 17.96
C THR H 82 -30.26 10.75 19.46
N PRO H 83 -29.32 10.13 20.18
CA PRO H 83 -29.28 10.31 21.64
C PRO H 83 -29.15 11.76 22.08
N GLY H 84 -28.38 12.56 21.35
CA GLY H 84 -28.08 13.91 21.79
C GLY H 84 -29.10 14.97 21.48
N LEU H 85 -30.02 14.71 20.56
CA LEU H 85 -31.02 15.70 20.18
C LEU H 85 -31.86 16.12 21.38
N PRO I 5 -29.25 24.95 8.02
CA PRO I 5 -29.88 23.79 8.66
C PRO I 5 -30.08 22.64 7.69
N ASN I 6 -30.90 22.87 6.66
CA ASN I 6 -31.13 21.83 5.65
C ASN I 6 -29.84 21.47 4.94
N ALA I 7 -29.03 22.48 4.59
CA ALA I 7 -27.79 22.21 3.87
C ALA I 7 -26.83 21.40 4.71
N ILE I 8 -26.69 21.73 6.00
CA ILE I 8 -25.78 21.00 6.87
C ILE I 8 -26.22 19.55 7.00
N ILE I 9 -27.52 19.33 7.22
CA ILE I 9 -28.02 17.96 7.36
C ILE I 9 -27.82 17.19 6.08
N THR I 10 -28.06 17.82 4.93
CA THR I 10 -27.89 17.14 3.66
C THR I 10 -26.43 16.77 3.43
N ALA I 11 -25.50 17.68 3.72
CA ALA I 11 -24.08 17.38 3.57
C ALA I 11 -23.66 16.25 4.50
N GLY I 12 -24.11 16.29 5.76
CA GLY I 12 -23.80 15.21 6.67
C GLY I 12 -24.36 13.89 6.21
N ALA I 13 -25.58 13.90 5.69
CA ALA I 13 -26.19 12.67 5.17
C ALA I 13 -25.42 12.14 3.98
N LEU I 14 -24.96 13.04 3.10
CA LEU I 14 -24.15 12.61 1.96
C LEU I 14 -22.86 11.96 2.42
N ILE I 15 -22.18 12.58 3.40
CA ILE I 15 -20.95 11.99 3.91
C ILE I 15 -21.22 10.65 4.58
N GLY I 16 -22.31 10.54 5.34
CA GLY I 16 -22.64 9.29 5.98
C GLY I 16 -22.97 8.19 4.99
N GLY I 17 -23.72 8.53 3.94
CA GLY I 17 -24.00 7.54 2.90
C GLY I 17 -22.75 7.15 2.15
N GLY I 18 -21.85 8.10 1.91
CA GLY I 18 -20.58 7.76 1.31
C GLY I 18 -19.78 6.81 2.17
N LEU I 19 -19.77 7.03 3.48
CA LEU I 19 -19.11 6.09 4.39
C LEU I 19 -19.79 4.72 4.33
N ILE I 20 -21.12 4.71 4.31
CA ILE I 20 -21.84 3.45 4.25
C ILE I 20 -21.43 2.65 3.02
N MET I 21 -21.46 3.29 1.85
CA MET I 21 -21.12 2.57 0.63
C MET I 21 -19.64 2.25 0.54
N GLY I 22 -18.77 3.10 1.08
CA GLY I 22 -17.35 2.77 1.06
C GLY I 22 -17.06 1.53 1.90
N GLY I 23 -17.59 1.49 3.12
CA GLY I 23 -17.42 0.30 3.93
C GLY I 23 -18.08 -0.92 3.32
N GLY I 24 -19.28 -0.75 2.76
CA GLY I 24 -19.95 -1.87 2.12
C GLY I 24 -19.17 -2.41 0.94
N ALA I 25 -18.60 -1.52 0.12
CA ALA I 25 -17.81 -1.95 -1.02
C ALA I 25 -16.53 -2.63 -0.57
N ILE I 26 -15.87 -2.09 0.46
CA ILE I 26 -14.67 -2.75 0.98
C ILE I 26 -15.01 -4.17 1.42
N GLY I 27 -16.06 -4.30 2.24
CA GLY I 27 -16.43 -5.61 2.75
C GLY I 27 -16.83 -6.55 1.63
N ALA I 28 -17.68 -6.09 0.72
CA ALA I 28 -18.14 -6.93 -0.37
C ALA I 28 -16.99 -7.38 -1.25
N GLY I 29 -16.14 -6.44 -1.67
CA GLY I 29 -15.05 -6.80 -2.55
C GLY I 29 -14.09 -7.78 -1.89
N ILE I 30 -13.68 -7.50 -0.65
CA ILE I 30 -12.67 -8.35 -0.02
C ILE I 30 -13.27 -9.71 0.34
N GLY I 31 -14.51 -9.74 0.83
CA GLY I 31 -15.15 -11.01 1.12
C GLY I 31 -15.38 -11.85 -0.11
N ASP I 32 -15.81 -11.23 -1.21
CA ASP I 32 -15.95 -11.94 -2.47
C ASP I 32 -14.60 -12.45 -2.94
N GLY I 33 -13.55 -11.64 -2.81
CA GLY I 33 -12.23 -12.09 -3.19
C GLY I 33 -11.79 -13.30 -2.40
N ILE I 34 -12.03 -13.30 -1.09
CA ILE I 34 -11.61 -14.43 -0.25
C ILE I 34 -12.43 -15.67 -0.56
N ALA I 35 -13.75 -15.52 -0.68
CA ALA I 35 -14.60 -16.67 -0.99
C ALA I 35 -14.25 -17.24 -2.35
N GLY I 36 -14.03 -16.38 -3.35
CA GLY I 36 -13.62 -16.85 -4.66
C GLY I 36 -12.22 -17.40 -4.69
N ASN I 37 -11.33 -16.94 -3.81
CA ASN I 37 -10.04 -17.58 -3.65
C ASN I 37 -10.21 -19.03 -3.20
N ALA I 38 -11.06 -19.25 -2.19
CA ALA I 38 -11.32 -20.61 -1.77
C ALA I 38 -11.96 -21.43 -2.88
N LEU I 39 -12.90 -20.84 -3.61
CA LEU I 39 -13.55 -21.56 -4.71
C LEU I 39 -12.55 -21.94 -5.79
N ILE I 40 -11.70 -21.00 -6.19
CA ILE I 40 -10.72 -21.26 -7.24
C ILE I 40 -9.72 -22.30 -6.79
N SER I 41 -9.24 -22.21 -5.55
CA SER I 41 -8.31 -23.21 -5.04
C SER I 41 -8.95 -24.59 -5.01
N GLY I 42 -10.20 -24.68 -4.56
CA GLY I 42 -10.86 -25.97 -4.52
C GLY I 42 -11.08 -26.55 -5.89
N ILE I 43 -11.50 -25.73 -6.85
CA ILE I 43 -11.73 -26.23 -8.21
C ILE I 43 -10.42 -26.63 -8.86
N ALA I 44 -9.35 -25.88 -8.61
CA ALA I 44 -8.04 -26.26 -9.14
C ALA I 44 -7.58 -27.60 -8.57
N ARG I 45 -7.74 -27.77 -7.25
CA ARG I 45 -7.31 -29.03 -6.63
C ARG I 45 -8.28 -30.15 -6.94
N GLN I 46 -9.59 -29.87 -6.95
CA GLN I 46 -10.62 -30.89 -7.11
C GLN I 46 -11.52 -30.53 -8.29
N PRO I 47 -11.21 -31.02 -9.49
CA PRO I 47 -12.07 -30.71 -10.65
C PRO I 47 -13.53 -31.06 -10.41
N GLU I 48 -13.83 -32.32 -10.08
CA GLU I 48 -15.21 -32.75 -9.88
C GLU I 48 -15.88 -32.01 -8.74
N ALA I 49 -15.12 -31.36 -7.87
CA ALA I 49 -15.68 -30.56 -6.79
C ALA I 49 -16.34 -29.29 -7.28
N GLN I 50 -16.17 -28.93 -8.56
CA GLN I 50 -16.71 -27.66 -9.05
C GLN I 50 -18.21 -27.56 -8.77
N GLY I 51 -18.95 -28.65 -8.97
CA GLY I 51 -20.37 -28.63 -8.67
C GLY I 51 -20.65 -28.51 -7.17
N ARG I 52 -19.87 -29.23 -6.36
CA ARG I 52 -20.12 -29.25 -4.92
C ARG I 52 -19.65 -27.96 -4.25
N LEU I 53 -18.65 -27.28 -4.83
CA LEU I 53 -18.09 -26.09 -4.19
C LEU I 53 -18.96 -24.86 -4.36
N PHE I 54 -19.89 -24.86 -5.32
CA PHE I 54 -20.70 -23.68 -5.55
C PHE I 54 -21.82 -23.53 -4.53
N THR I 55 -22.11 -24.57 -3.75
CA THR I 55 -23.09 -24.42 -2.67
C THR I 55 -22.49 -23.66 -1.49
N PRO I 56 -21.36 -24.06 -0.90
CA PRO I 56 -20.76 -23.21 0.13
C PRO I 56 -20.44 -21.81 -0.38
N PHE I 57 -19.85 -21.72 -1.57
CA PHE I 57 -19.51 -20.41 -2.12
C PHE I 57 -20.74 -19.51 -2.18
N PHE I 58 -21.83 -19.99 -2.78
CA PHE I 58 -23.04 -19.19 -2.85
C PHE I 58 -23.54 -18.81 -1.47
N ILE I 59 -23.34 -19.67 -0.47
CA ILE I 59 -23.66 -19.28 0.90
C ILE I 59 -22.78 -18.14 1.34
N THR I 60 -21.45 -18.30 1.18
CA THR I 60 -20.53 -17.26 1.61
C THR I 60 -20.84 -15.94 0.90
N VAL I 61 -20.91 -15.99 -0.43
CA VAL I 61 -21.28 -14.80 -1.19
C VAL I 61 -22.62 -14.27 -0.71
N GLY I 62 -23.57 -15.17 -0.44
CA GLY I 62 -24.86 -14.73 0.06
C GLY I 62 -24.73 -13.92 1.33
N LEU I 63 -23.83 -14.34 2.23
CA LEU I 63 -23.64 -13.60 3.46
C LEU I 63 -22.88 -12.31 3.23
N VAL I 64 -22.06 -12.26 2.17
CA VAL I 64 -21.27 -11.06 1.90
C VAL I 64 -22.12 -10.02 1.18
N GLU I 65 -22.63 -10.37 0.00
CA GLU I 65 -23.43 -9.43 -0.77
C GLU I 65 -24.61 -8.90 0.02
N ALA I 66 -25.25 -9.74 0.82
CA ALA I 66 -26.35 -9.26 1.65
C ALA I 66 -25.91 -8.03 2.44
N ALA I 67 -24.78 -8.12 3.14
CA ALA I 67 -24.29 -6.95 3.85
C ALA I 67 -24.21 -5.75 2.92
N TYR I 68 -23.52 -5.91 1.79
CA TYR I 68 -23.46 -4.83 0.81
C TYR I 68 -24.85 -4.32 0.50
N PHE I 69 -25.77 -5.21 0.14
CA PHE I 69 -27.12 -4.77 -0.20
C PHE I 69 -27.70 -3.95 0.94
N ILE I 70 -27.59 -4.44 2.17
CA ILE I 70 -28.15 -3.70 3.29
C ILE I 70 -27.57 -2.30 3.32
N ASN I 71 -26.23 -2.21 3.26
CA ASN I 71 -25.61 -0.90 3.26
C ASN I 71 -26.19 -0.04 2.15
N LEU I 72 -26.27 -0.58 0.94
CA LEU I 72 -26.81 0.18 -0.17
C LEU I 72 -28.16 0.76 0.22
N ALA I 73 -29.07 -0.10 0.72
CA ALA I 73 -30.39 0.40 1.10
C ALA I 73 -30.25 1.57 2.05
N PHE I 74 -29.49 1.40 3.13
CA PHE I 74 -29.39 2.47 4.11
C PHE I 74 -28.78 3.71 3.50
N MET I 75 -27.80 3.54 2.59
CA MET I 75 -27.24 4.73 1.95
C MET I 75 -28.32 5.49 1.22
N ALA I 76 -29.18 4.78 0.48
CA ALA I 76 -30.32 5.44 -0.14
C ALA I 76 -31.13 6.19 0.91
N LEU I 77 -31.45 5.52 2.01
CA LEU I 77 -32.21 6.16 3.08
C LEU I 77 -31.50 7.44 3.54
N PHE I 78 -30.17 7.42 3.55
CA PHE I 78 -29.43 8.61 3.99
C PHE I 78 -29.57 9.73 2.97
N VAL I 79 -29.50 9.40 1.68
CA VAL I 79 -29.36 10.45 0.67
C VAL I 79 -30.68 10.80 -0.01
N PHE I 80 -31.64 9.89 -0.06
CA PHE I 80 -32.93 10.15 -0.67
C PHE I 80 -34.04 10.38 0.33
N ALA I 81 -33.92 9.84 1.55
CA ALA I 81 -34.90 10.02 2.61
C ALA I 81 -34.18 10.41 3.90
N THR I 82 -33.29 11.40 3.80
CA THR I 82 -32.43 11.80 4.90
C THR I 82 -33.22 11.93 6.20
N PRO I 83 -33.04 11.01 7.15
CA PRO I 83 -33.75 11.13 8.42
C PRO I 83 -33.31 12.36 9.20
N GLY I 84 -34.24 12.92 9.96
CA GLY I 84 -33.95 14.10 10.76
C GLY I 84 -33.86 15.38 9.95
N LEU I 85 -34.29 15.38 8.70
CA LEU I 85 -34.20 16.56 7.85
C LEU I 85 -35.55 17.26 7.77
N ILE J 11 8.84 24.39 1.53
CA ILE J 11 10.07 23.70 1.16
C ILE J 11 10.51 24.13 -0.24
N HIS J 12 9.68 24.92 -0.91
CA HIS J 12 10.03 25.51 -2.20
C HIS J 12 10.21 24.44 -3.27
N VAL J 13 9.18 23.59 -3.43
CA VAL J 13 9.21 22.58 -4.48
C VAL J 13 9.18 23.27 -5.84
N GLY J 14 9.90 22.68 -6.80
CA GLY J 14 9.92 23.19 -8.16
C GLY J 14 11.01 24.24 -8.35
N HIS J 15 10.67 25.32 -9.06
CA HIS J 15 11.62 26.39 -9.35
C HIS J 15 12.93 25.84 -9.89
N HIS J 16 12.85 25.20 -11.07
CA HIS J 16 14.06 24.75 -11.74
C HIS J 16 14.93 25.95 -12.10
N THR J 17 16.21 25.86 -11.77
CA THR J 17 17.14 26.93 -12.06
C THR J 17 17.75 26.75 -13.45
N LEU J 18 18.42 27.80 -13.92
CA LEU J 18 19.00 27.86 -15.26
C LEU J 18 17.94 27.76 -16.36
N VAL J 19 16.67 28.02 -16.02
CA VAL J 19 15.61 27.95 -17.01
C VAL J 19 15.86 28.96 -18.12
N PHE J 20 15.67 28.54 -19.36
CA PHE J 20 15.82 29.42 -20.51
C PHE J 20 14.68 29.15 -21.49
N GLU J 21 14.68 29.88 -22.59
CA GLU J 21 13.65 29.74 -23.62
C GLU J 21 14.32 29.67 -24.98
N LEU J 22 13.90 28.71 -25.80
CA LEU J 22 14.44 28.56 -27.14
C LEU J 22 13.39 27.87 -28.01
N PHE J 23 13.41 28.18 -29.31
CA PHE J 23 12.47 27.61 -30.27
C PHE J 23 11.03 27.83 -29.82
N GLY J 24 10.80 28.91 -29.07
CA GLY J 24 9.46 29.21 -28.60
C GLY J 24 8.95 28.29 -27.52
N MET J 25 9.84 27.63 -26.79
CA MET J 25 9.43 26.77 -25.68
C MET J 25 10.46 26.87 -24.57
N THR J 26 10.02 26.61 -23.34
CA THR J 26 10.85 26.76 -22.16
C THR J 26 11.59 25.45 -21.85
N PHE J 27 12.82 25.60 -21.36
CA PHE J 27 13.66 24.47 -20.99
C PHE J 27 14.19 24.69 -19.58
N ASN J 28 14.10 23.65 -18.76
CA ASN J 28 14.67 23.68 -17.40
C ASN J 28 16.17 23.42 -17.52
N GLY J 29 16.96 24.46 -17.35
CA GLY J 29 18.39 24.34 -17.56
C GLY J 29 19.05 23.36 -16.60
N ASP J 30 18.64 23.38 -15.33
CA ASP J 30 19.28 22.51 -14.35
C ASP J 30 19.04 21.04 -14.67
N THR J 31 17.83 20.69 -15.09
CA THR J 31 17.54 19.30 -15.44
C THR J 31 18.35 18.87 -16.65
N ILE J 32 18.48 19.75 -17.65
CA ILE J 32 19.29 19.44 -18.82
C ILE J 32 20.75 19.25 -18.43
N LEU J 33 21.25 20.10 -17.52
CA LEU J 33 22.63 19.97 -17.07
C LEU J 33 22.84 18.65 -16.35
N ALA J 34 21.90 18.26 -15.48
CA ALA J 34 22.04 16.98 -14.79
C ALA J 34 21.98 15.81 -15.77
N THR J 35 21.09 15.88 -16.75
CA THR J 35 21.01 14.83 -17.75
C THR J 35 22.28 14.75 -18.57
N ALA J 36 22.86 15.90 -18.91
CA ALA J 36 24.12 15.92 -19.64
C ALA J 36 25.26 15.35 -18.80
N VAL J 37 25.28 15.65 -17.51
CA VAL J 37 26.30 15.09 -16.63
C VAL J 37 26.18 13.58 -16.58
N THR J 38 24.96 13.08 -16.41
CA THR J 38 24.76 11.64 -16.41
C THR J 38 25.17 11.02 -17.74
N ALA J 39 24.82 11.69 -18.84
CA ALA J 39 25.18 11.18 -20.16
C ALA J 39 26.68 11.12 -20.34
N VAL J 40 27.40 12.14 -19.89
CA VAL J 40 28.86 12.13 -20.05
C VAL J 40 29.49 11.08 -19.15
N ILE J 41 28.96 10.86 -17.95
CA ILE J 41 29.48 9.77 -17.12
C ILE J 41 29.27 8.43 -17.81
N VAL J 42 28.07 8.21 -18.37
CA VAL J 42 27.81 6.94 -19.04
C VAL J 42 28.68 6.80 -20.28
N ILE J 43 28.91 7.89 -21.00
CA ILE J 43 29.75 7.86 -22.19
C ILE J 43 31.20 7.58 -21.81
N ALA J 44 31.67 8.16 -20.70
CA ALA J 44 33.02 7.87 -20.24
C ALA J 44 33.16 6.40 -19.87
N LEU J 45 32.16 5.84 -19.19
CA LEU J 45 32.20 4.42 -18.87
C LEU J 45 32.23 3.58 -20.15
N ALA J 46 31.39 3.93 -21.13
CA ALA J 46 31.35 3.18 -22.37
C ALA J 46 32.67 3.25 -23.12
N PHE J 47 33.26 4.45 -23.18
CA PHE J 47 34.52 4.62 -23.89
C PHE J 47 35.66 3.90 -23.18
N TYR J 48 35.67 3.94 -21.85
CA TYR J 48 36.72 3.24 -21.10
C TYR J 48 36.58 1.73 -21.26
N LEU J 49 35.34 1.25 -21.39
CA LEU J 49 35.14 -0.15 -21.75
C LEU J 49 35.67 -0.44 -23.14
N ARG J 50 35.29 0.39 -24.11
CA ARG J 50 35.67 0.15 -25.50
C ARG J 50 37.18 0.10 -25.66
N ALA J 51 37.89 1.03 -25.01
CA ALA J 51 39.35 1.02 -25.05
C ALA J 51 39.91 -0.24 -24.39
N LYS J 52 39.32 -0.65 -23.27
CA LYS J 52 39.84 -1.73 -22.45
C LYS J 52 38.88 -2.92 -22.40
N VAL J 53 38.32 -3.29 -23.55
CA VAL J 53 37.47 -4.48 -23.65
C VAL J 53 38.34 -5.63 -24.16
N THR J 54 38.45 -6.68 -23.35
CA THR J 54 39.34 -7.80 -23.65
C THR J 54 38.54 -9.09 -23.63
N SER J 55 38.56 -9.82 -24.75
CA SER J 55 37.96 -11.15 -24.78
C SER J 55 38.86 -12.18 -24.10
N THR J 56 40.18 -12.05 -24.25
CA THR J 56 41.13 -13.02 -23.74
C THR J 56 41.78 -12.60 -22.42
N GLY J 57 41.96 -11.31 -22.19
CA GLY J 57 42.58 -10.83 -20.98
C GLY J 57 41.61 -10.82 -19.81
N VAL J 58 42.15 -10.43 -18.66
CA VAL J 58 41.31 -10.33 -17.45
C VAL J 58 40.49 -9.05 -17.52
N PRO J 59 39.16 -9.13 -17.38
CA PRO J 59 38.34 -7.93 -17.56
C PRO J 59 38.62 -6.88 -16.49
N SER J 60 38.46 -5.62 -16.89
CA SER J 60 38.60 -4.52 -15.96
C SER J 60 37.34 -4.38 -15.11
N GLY J 61 37.32 -3.37 -14.25
CA GLY J 61 36.14 -3.14 -13.43
C GLY J 61 34.93 -2.74 -14.26
N VAL J 62 35.13 -1.82 -15.21
CA VAL J 62 34.02 -1.40 -16.05
C VAL J 62 33.58 -2.55 -16.94
N GLN J 63 34.50 -3.38 -17.39
CA GLN J 63 34.12 -4.53 -18.19
C GLN J 63 33.25 -5.48 -17.39
N LEU J 64 33.60 -5.71 -16.13
CA LEU J 64 32.79 -6.58 -15.29
C LEU J 64 31.41 -5.97 -15.05
N PHE J 65 31.35 -4.66 -14.80
CA PHE J 65 30.06 -4.00 -14.59
C PHE J 65 29.17 -4.14 -15.82
N TRP J 66 29.71 -3.79 -16.99
CA TRP J 66 28.93 -3.87 -18.22
C TRP J 66 28.55 -5.31 -18.52
N GLU J 67 29.45 -6.26 -18.29
CA GLU J 67 29.15 -7.66 -18.55
C GLU J 67 28.01 -8.14 -17.67
N ALA J 68 28.05 -7.79 -16.38
CA ALA J 68 26.99 -8.22 -15.47
C ALA J 68 25.66 -7.61 -15.88
N LEU J 69 25.64 -6.31 -16.19
CA LEU J 69 24.40 -5.66 -16.58
C LEU J 69 23.83 -6.26 -17.86
N THR J 70 24.69 -6.44 -18.87
CA THR J 70 24.26 -7.00 -20.13
C THR J 70 23.77 -8.44 -19.96
N ILE J 71 24.45 -9.23 -19.13
CA ILE J 71 24.04 -10.60 -18.89
C ILE J 71 22.67 -10.62 -18.22
N GLN J 72 22.46 -9.75 -17.22
CA GLN J 72 21.18 -9.71 -16.54
C GLN J 72 20.06 -9.36 -17.52
N MET J 73 20.27 -8.33 -18.33
CA MET J 73 19.21 -7.92 -19.27
C MET J 73 18.99 -8.98 -20.34
N ARG J 74 20.06 -9.61 -20.82
CA ARG J 74 19.92 -10.67 -21.80
C ARG J 74 19.18 -11.87 -21.23
N GLN J 75 19.45 -12.21 -19.97
CA GLN J 75 18.71 -13.28 -19.32
C GLN J 75 17.24 -12.93 -19.20
N GLN J 76 16.93 -11.68 -18.84
CA GLN J 76 15.54 -11.25 -18.78
C GLN J 76 14.87 -11.40 -20.14
N ILE J 77 15.54 -10.97 -21.20
CA ILE J 77 14.97 -11.06 -22.54
C ILE J 77 14.76 -12.52 -22.93
N GLU J 78 15.76 -13.36 -22.67
CA GLU J 78 15.62 -14.79 -22.97
C GLU J 78 14.43 -15.40 -22.24
N GLY J 79 14.26 -15.04 -20.96
CA GLY J 79 13.17 -15.60 -20.19
C GLY J 79 11.81 -14.99 -20.46
N SER J 80 11.76 -13.85 -21.13
CA SER J 80 10.49 -13.21 -21.46
C SER J 80 10.16 -13.25 -22.94
N ILE J 81 11.05 -12.75 -23.80
CA ILE J 81 10.84 -12.81 -25.24
C ILE J 81 12.18 -13.10 -25.92
N GLY J 82 12.23 -14.14 -26.72
CA GLY J 82 13.47 -14.60 -27.32
C GLY J 82 14.39 -13.50 -27.79
N MET J 83 15.69 -13.67 -27.58
CA MET J 83 16.66 -12.69 -28.05
C MET J 83 16.63 -12.54 -29.56
N LYS J 84 16.27 -13.61 -30.28
CA LYS J 84 16.17 -13.50 -31.72
C LYS J 84 15.07 -12.51 -32.11
N ILE J 85 13.95 -12.53 -31.39
CA ILE J 85 12.87 -11.60 -31.67
C ILE J 85 13.21 -10.19 -31.22
N ALA J 86 13.95 -10.05 -30.12
CA ALA J 86 14.18 -8.76 -29.47
C ALA J 86 15.67 -8.55 -29.25
N PRO J 87 16.43 -8.33 -30.33
CA PRO J 87 17.84 -7.98 -30.16
C PRO J 87 18.02 -6.51 -29.83
N PHE J 88 17.06 -5.70 -30.27
CA PHE J 88 17.17 -4.25 -30.09
C PHE J 88 16.78 -3.81 -28.69
N VAL J 89 16.19 -4.70 -27.88
CA VAL J 89 15.75 -4.29 -26.55
C VAL J 89 16.86 -4.42 -25.51
N LEU J 90 17.89 -5.24 -25.76
CA LEU J 90 19.00 -5.31 -24.82
C LEU J 90 19.74 -3.99 -24.72
N PRO J 91 20.12 -3.34 -25.82
CA PRO J 91 20.73 -2.01 -25.68
C PRO J 91 19.83 -1.02 -24.97
N LEU J 92 18.52 -1.07 -25.26
CA LEU J 92 17.59 -0.17 -24.60
C LEU J 92 17.58 -0.40 -23.09
N SER J 93 17.52 -1.67 -22.67
CA SER J 93 17.49 -1.97 -21.25
C SER J 93 18.80 -1.55 -20.58
N VAL J 94 19.93 -1.82 -21.22
CA VAL J 94 21.22 -1.50 -20.60
C VAL J 94 21.36 0.02 -20.47
N THR J 95 21.06 0.76 -21.55
CA THR J 95 21.20 2.21 -21.48
C THR J 95 20.22 2.81 -20.48
N ILE J 96 18.99 2.29 -20.43
CA ILE J 96 18.02 2.77 -19.46
C ILE J 96 18.54 2.55 -18.04
N PHE J 97 18.99 1.33 -17.76
CA PHE J 97 19.46 1.00 -16.42
C PHE J 97 20.61 1.91 -16.01
N VAL J 98 21.63 2.03 -16.86
CA VAL J 98 22.78 2.83 -16.50
C VAL J 98 22.39 4.30 -16.37
N PHE J 99 21.56 4.81 -17.28
CA PHE J 99 21.16 6.21 -17.21
C PHE J 99 20.49 6.51 -15.89
N ILE J 100 19.48 5.72 -15.53
CA ILE J 100 18.73 6.00 -14.30
C ILE J 100 19.62 5.77 -13.08
N LEU J 101 20.43 4.72 -13.10
CA LEU J 101 21.28 4.42 -11.95
C LEU J 101 22.26 5.56 -11.70
N ILE J 102 22.93 6.03 -12.74
CA ILE J 102 23.90 7.11 -12.58
C ILE J 102 23.19 8.39 -12.19
N SER J 103 22.03 8.67 -12.78
CA SER J 103 21.28 9.87 -12.42
C SER J 103 20.94 9.88 -10.94
N ASN J 104 20.47 8.74 -10.42
CA ASN J 104 20.10 8.67 -9.02
C ASN J 104 21.32 8.72 -8.11
N TRP J 105 22.40 8.03 -8.50
CA TRP J 105 23.55 7.92 -7.61
C TRP J 105 24.39 9.19 -7.59
N LEU J 106 24.36 9.99 -8.66
CA LEU J 106 25.08 11.26 -8.65
C LEU J 106 24.49 12.23 -7.63
N ALA J 107 23.25 12.01 -7.20
CA ALA J 107 22.66 12.85 -6.17
C ALA J 107 23.26 12.57 -4.79
N VAL J 108 23.92 11.41 -4.62
CA VAL J 108 24.53 11.09 -3.34
C VAL J 108 25.73 11.99 -3.06
N LEU J 109 26.32 12.59 -4.09
CA LEU J 109 27.44 13.49 -3.88
C LEU J 109 26.97 14.75 -3.15
N PRO J 110 27.80 15.33 -2.29
CA PRO J 110 27.39 16.51 -1.51
C PRO J 110 27.41 17.80 -2.33
N LEU J 111 26.49 17.88 -3.30
CA LEU J 111 26.41 19.00 -4.23
C LEU J 111 25.28 19.97 -3.87
N GLN J 112 25.02 20.13 -2.58
CA GLN J 112 23.97 21.00 -2.07
C GLN J 112 24.58 21.99 -1.08
N TYR J 113 23.98 23.17 -0.98
CA TYR J 113 24.45 24.24 -0.10
C TYR J 113 23.24 25.06 0.35
N GLY J 114 23.51 26.09 1.14
CA GLY J 114 22.48 26.98 1.64
C GLY J 114 22.47 28.30 0.89
N GLY J 115 21.27 28.80 0.62
CA GLY J 115 21.11 30.05 -0.11
C GLY J 115 21.60 31.25 0.70
N GLY J 118 17.91 32.13 2.24
CA GLY J 118 18.68 31.16 2.99
C GLY J 118 18.19 29.73 2.77
N ALA J 119 17.35 29.55 1.76
CA ALA J 119 16.83 28.22 1.47
C ALA J 119 17.93 27.34 0.88
N ALA J 120 17.70 26.03 0.94
CA ALA J 120 18.69 25.08 0.45
C ALA J 120 18.62 24.98 -1.06
N ALA J 121 19.77 25.17 -1.72
CA ALA J 121 19.91 24.97 -3.14
C ALA J 121 20.78 23.74 -3.38
N GLU J 122 20.68 23.16 -4.57
CA GLU J 122 21.40 21.93 -4.87
C GLU J 122 22.04 22.08 -6.25
N LEU J 123 23.36 21.95 -6.30
CA LEU J 123 24.07 22.10 -7.56
C LEU J 123 23.65 21.02 -8.56
N TYR J 124 23.53 19.78 -8.10
CA TYR J 124 23.09 18.66 -8.92
C TYR J 124 21.85 18.07 -8.30
N LYS J 125 20.70 18.29 -8.93
CA LYS J 125 19.45 17.64 -8.56
C LYS J 125 19.21 16.48 -9.51
N ALA J 126 18.83 15.34 -8.96
CA ALA J 126 18.66 14.15 -9.79
C ALA J 126 17.66 14.46 -10.91
N PRO J 127 18.01 14.21 -12.17
CA PRO J 127 17.09 14.60 -13.26
C PRO J 127 15.74 13.92 -13.17
N ALA J 128 15.67 12.71 -12.62
CA ALA J 128 14.39 12.04 -12.46
C ALA J 128 13.44 12.84 -11.56
N SER J 129 13.97 13.72 -10.71
CA SER J 129 13.13 14.57 -9.89
C SER J 129 12.31 15.53 -10.73
N ASP J 130 12.67 15.73 -11.99
CA ASP J 130 11.93 16.58 -12.91
C ASP J 130 10.97 15.74 -13.73
N ILE J 131 9.75 16.25 -13.93
CA ILE J 131 8.74 15.49 -14.66
C ILE J 131 9.16 15.26 -16.10
N ASN J 132 9.87 16.21 -16.70
CA ASN J 132 10.23 16.09 -18.10
C ASN J 132 11.12 14.88 -18.34
N PHE J 133 12.10 14.65 -17.48
CA PHE J 133 13.04 13.55 -17.70
C PHE J 133 12.33 12.19 -17.66
N VAL J 134 11.58 11.94 -16.58
CA VAL J 134 10.93 10.65 -16.43
C VAL J 134 9.85 10.47 -17.48
N LEU J 135 9.12 11.55 -17.80
CA LEU J 135 8.10 11.46 -18.84
C LEU J 135 8.73 11.16 -20.20
N ALA J 136 9.88 11.77 -20.49
CA ALA J 136 10.56 11.49 -21.76
C ALA J 136 10.99 10.04 -21.84
N LEU J 137 11.60 9.53 -20.76
CA LEU J 137 12.00 8.12 -20.78
C LEU J 137 10.80 7.20 -20.95
N ALA J 138 9.72 7.46 -20.19
CA ALA J 138 8.55 6.59 -20.25
C ALA J 138 7.89 6.65 -21.62
N LEU J 139 7.75 7.84 -22.19
CA LEU J 139 7.13 7.95 -23.50
C LEU J 139 8.00 7.36 -24.59
N PHE J 140 9.32 7.49 -24.48
CA PHE J 140 10.20 6.84 -25.45
C PHE J 140 10.03 5.33 -25.40
N VAL J 141 10.01 4.76 -24.19
CA VAL J 141 9.80 3.32 -24.07
C VAL J 141 8.42 2.94 -24.62
N PHE J 142 7.41 3.76 -24.33
CA PHE J 142 6.06 3.51 -24.79
C PHE J 142 6.01 3.43 -26.32
N VAL J 143 6.54 4.45 -26.98
CA VAL J 143 6.58 4.47 -28.44
C VAL J 143 7.40 3.30 -28.96
N CYS J 144 8.50 2.97 -28.27
CA CYS J 144 9.38 1.92 -28.76
C CYS J 144 8.69 0.57 -28.76
N TYR J 145 8.09 0.17 -27.63
CA TYR J 145 7.48 -1.16 -27.65
C TYR J 145 6.15 -1.19 -28.40
N HIS J 146 5.46 -0.06 -28.53
CA HIS J 146 4.29 -0.05 -29.40
C HIS J 146 4.70 -0.19 -30.87
N ALA J 147 5.80 0.44 -31.27
CA ALA J 147 6.31 0.25 -32.61
C ALA J 147 6.79 -1.18 -32.82
N ALA J 148 7.40 -1.77 -31.79
CA ALA J 148 7.82 -3.17 -31.90
C ALA J 148 6.61 -4.07 -32.07
N GLY J 149 5.54 -3.82 -31.33
CA GLY J 149 4.33 -4.60 -31.51
C GLY J 149 3.73 -4.42 -32.89
N ILE J 150 3.73 -3.18 -33.40
CA ILE J 150 3.23 -2.94 -34.75
C ILE J 150 4.05 -3.71 -35.76
N TRP J 151 5.38 -3.70 -35.61
CA TRP J 151 6.25 -4.40 -36.54
C TRP J 151 6.01 -5.90 -36.49
N ARG J 152 5.86 -6.46 -35.30
CA ARG J 152 5.71 -7.91 -35.16
C ARG J 152 4.28 -8.40 -35.39
N ARG J 153 3.30 -7.50 -35.43
CA ARG J 153 1.90 -7.90 -35.59
C ARG J 153 1.26 -7.21 -36.79
N GLY J 154 1.65 -5.98 -37.03
CA GLY J 154 1.09 -5.18 -38.11
C GLY J 154 0.45 -3.90 -37.59
N ILE J 155 0.29 -2.94 -38.51
CA ILE J 155 -0.25 -1.64 -38.14
C ILE J 155 -1.68 -1.79 -37.61
N VAL J 156 -2.48 -2.61 -38.27
CA VAL J 156 -3.86 -2.81 -37.83
C VAL J 156 -3.98 -3.99 -36.85
N GLY J 157 -3.14 -5.01 -37.00
CA GLY J 157 -3.22 -6.15 -36.11
C GLY J 157 -2.82 -5.81 -34.69
N HIS J 158 -1.77 -5.00 -34.52
CA HIS J 158 -1.27 -4.72 -33.17
C HIS J 158 -2.29 -4.00 -32.31
N PRO J 159 -2.95 -2.93 -32.75
CA PRO J 159 -3.97 -2.31 -31.90
C PRO J 159 -5.08 -3.26 -31.50
N ILE J 160 -5.47 -4.16 -32.40
CA ILE J 160 -6.54 -5.11 -32.07
C ILE J 160 -6.10 -6.02 -30.93
N LYS J 161 -4.87 -6.53 -31.00
CA LYS J 161 -4.37 -7.38 -29.93
C LYS J 161 -4.21 -6.60 -28.63
N VAL J 162 -3.77 -5.33 -28.74
CA VAL J 162 -3.59 -4.51 -27.55
C VAL J 162 -4.92 -4.29 -26.85
N VAL J 163 -5.96 -3.97 -27.61
CA VAL J 163 -7.27 -3.74 -27.01
C VAL J 163 -7.84 -5.05 -26.47
N LYS J 164 -7.76 -6.12 -27.25
CA LYS J 164 -8.25 -7.42 -26.81
C LYS J 164 -7.45 -7.92 -25.60
N GLY J 165 -6.14 -7.79 -25.64
CA GLY J 165 -5.33 -8.36 -24.59
C GLY J 165 -5.48 -9.86 -24.54
N HIS J 166 -5.43 -10.40 -23.32
CA HIS J 166 -5.63 -11.83 -23.12
C HIS J 166 -7.09 -12.20 -22.89
N VAL J 167 -7.94 -11.22 -22.56
CA VAL J 167 -9.36 -11.44 -22.37
C VAL J 167 -10.10 -10.38 -23.20
N ALA J 168 -10.91 -10.83 -24.16
CA ALA J 168 -11.59 -9.89 -25.05
C ALA J 168 -12.60 -9.04 -24.30
N PHE J 169 -13.47 -9.69 -23.51
CA PHE J 169 -14.54 -8.95 -22.84
C PHE J 169 -14.03 -8.03 -21.74
N LEU J 170 -12.72 -7.92 -21.56
CA LEU J 170 -12.11 -6.90 -20.70
C LEU J 170 -11.43 -5.83 -21.54
N ALA J 171 -12.03 -5.52 -22.70
CA ALA J 171 -11.39 -4.59 -23.63
C ALA J 171 -11.10 -3.23 -23.01
N PRO J 172 -12.02 -2.56 -22.34
CA PRO J 172 -11.69 -1.25 -21.76
C PRO J 172 -10.56 -1.32 -20.74
N ILE J 173 -10.58 -2.35 -19.88
CA ILE J 173 -9.54 -2.48 -18.86
C ILE J 173 -8.17 -2.48 -19.51
N ASN J 174 -7.99 -3.29 -20.56
CA ASN J 174 -6.74 -3.28 -21.29
C ASN J 174 -6.39 -1.88 -21.74
N ILE J 175 -7.36 -1.19 -22.37
CA ILE J 175 -7.08 0.15 -22.88
C ILE J 175 -6.66 1.09 -21.75
N VAL J 176 -7.08 0.82 -20.53
CA VAL J 176 -6.58 1.58 -19.39
C VAL J 176 -5.19 1.10 -19.00
N GLU J 177 -5.03 -0.20 -18.81
CA GLU J 177 -3.74 -0.75 -18.43
C GLU J 177 -2.66 -0.30 -19.39
N GLU J 178 -2.95 -0.31 -20.69
CA GLU J 178 -1.99 0.18 -21.68
C GLU J 178 -1.59 1.61 -21.37
N LEU J 179 -2.58 2.50 -21.23
CA LEU J 179 -2.26 3.88 -20.87
C LEU J 179 -1.64 3.98 -19.49
N ALA J 180 -1.87 2.99 -18.64
CA ALA J 180 -1.22 2.96 -17.34
C ALA J 180 0.24 2.55 -17.43
N LYS J 181 0.63 1.83 -18.50
CA LYS J 181 2.00 1.39 -18.62
C LYS J 181 2.99 2.56 -18.63
N PRO J 182 2.85 3.56 -19.49
CA PRO J 182 3.79 4.68 -19.45
C PRO J 182 3.63 5.51 -18.18
N ILE J 183 2.40 5.92 -17.89
CA ILE J 183 2.15 6.85 -16.78
C ILE J 183 2.82 6.34 -15.51
N SER J 184 2.41 5.15 -15.06
CA SER J 184 3.04 4.56 -13.88
C SER J 184 4.55 4.51 -14.07
N LEU J 185 4.99 3.94 -15.19
CA LEU J 185 6.42 3.77 -15.44
C LEU J 185 7.14 5.10 -15.33
N ALA J 186 6.47 6.20 -15.66
CA ALA J 186 7.04 7.53 -15.44
C ALA J 186 6.90 7.92 -13.97
N LEU J 187 5.67 7.96 -13.46
CA LEU J 187 5.43 8.53 -12.14
C LEU J 187 6.09 7.69 -11.05
N ARG J 188 6.06 6.37 -11.20
CA ARG J 188 6.79 5.51 -10.28
C ARG J 188 8.25 5.95 -10.15
N LEU J 189 8.86 6.32 -11.26
CA LEU J 189 10.23 6.84 -11.21
C LEU J 189 10.25 8.27 -10.69
N PHE J 190 9.25 9.08 -11.06
CA PHE J 190 9.21 10.47 -10.65
C PHE J 190 9.14 10.56 -9.13
N GLY J 191 8.02 10.11 -8.55
CA GLY J 191 7.79 10.30 -7.14
C GLY J 191 8.92 9.75 -6.28
N ASN J 192 9.50 8.63 -6.70
CA ASN J 192 10.58 8.05 -5.90
C ASN J 192 11.78 8.98 -5.80
N ILE J 193 12.17 9.60 -6.92
CA ILE J 193 13.29 10.52 -6.86
C ILE J 193 12.84 11.91 -6.44
N PHE J 194 11.72 12.38 -6.98
CA PHE J 194 11.17 13.67 -6.55
C PHE J 194 11.05 13.71 -5.03
N ALA J 195 10.43 12.68 -4.44
CA ALA J 195 10.31 12.62 -3.00
C ALA J 195 11.65 12.84 -2.31
N GLY J 196 12.68 12.15 -2.81
CA GLY J 196 14.00 12.32 -2.21
C GLY J 196 14.45 13.76 -2.21
N GLY J 197 14.26 14.44 -3.35
CA GLY J 197 14.66 15.84 -3.42
C GLY J 197 14.03 16.67 -2.34
N ILE J 198 12.84 16.28 -1.89
CA ILE J 198 12.19 17.00 -0.79
C ILE J 198 12.81 16.61 0.55
N LEU J 199 13.04 15.31 0.79
CA LEU J 199 13.59 14.90 2.08
C LEU J 199 14.93 15.59 2.34
N VAL J 200 15.84 15.54 1.36
CA VAL J 200 17.12 16.21 1.53
C VAL J 200 16.91 17.68 1.81
N ALA J 201 15.93 18.29 1.15
CA ALA J 201 15.59 19.68 1.46
C ALA J 201 15.03 19.78 2.88
N LEU J 202 14.10 18.88 3.24
CA LEU J 202 13.52 18.93 4.57
C LEU J 202 14.60 18.72 5.63
N ILE J 203 15.46 17.73 5.43
CA ILE J 203 16.56 17.49 6.36
C ILE J 203 17.50 18.68 6.41
N ALA J 204 17.53 19.49 5.35
CA ALA J 204 18.35 20.69 5.37
C ALA J 204 17.86 21.71 6.38
N MET J 205 16.58 21.66 6.75
CA MET J 205 16.06 22.58 7.75
C MET J 205 16.66 22.33 9.13
N PHE J 206 17.20 21.13 9.37
CA PHE J 206 17.86 20.86 10.63
C PHE J 206 19.17 21.64 10.71
N PRO J 207 19.67 21.90 11.92
CA PRO J 207 21.01 22.46 12.06
C PRO J 207 22.06 21.45 11.71
N TRP J 208 23.26 21.96 11.37
CA TRP J 208 24.31 21.10 10.85
C TRP J 208 24.68 19.98 11.81
N TYR J 209 24.55 20.21 13.12
CA TYR J 209 25.02 19.23 14.09
C TYR J 209 24.09 18.03 14.23
N ILE J 210 22.88 18.08 13.67
CA ILE J 210 21.98 16.94 13.70
C ILE J 210 21.46 16.65 12.30
N GLN J 211 21.81 17.50 11.34
CA GLN J 211 21.36 17.30 9.96
C GLN J 211 22.04 16.09 9.33
N TRP J 212 23.29 15.83 9.69
CA TRP J 212 24.05 14.78 9.02
C TRP J 212 23.45 13.40 9.24
N PHE J 213 22.84 13.16 10.41
CA PHE J 213 22.34 11.82 10.71
C PHE J 213 21.17 11.44 9.81
N PRO J 214 20.04 12.16 9.83
CA PRO J 214 18.96 11.79 8.92
C PRO J 214 19.37 11.85 7.46
N ASN J 215 20.17 12.85 7.09
CA ASN J 215 20.66 12.93 5.72
C ASN J 215 21.51 11.71 5.38
N ALA J 216 22.41 11.33 6.29
CA ALA J 216 23.28 10.19 6.04
C ALA J 216 22.47 8.92 5.84
N VAL J 217 21.54 8.63 6.74
CA VAL J 217 20.77 7.40 6.62
C VAL J 217 19.89 7.44 5.37
N TRP J 218 19.25 8.58 5.11
CA TRP J 218 18.36 8.68 3.96
C TRP J 218 19.12 8.42 2.67
N LYS J 219 20.29 9.04 2.51
CA LYS J 219 21.04 8.87 1.26
C LYS J 219 21.70 7.51 1.18
N THR J 220 22.14 6.94 2.30
CA THR J 220 22.66 5.58 2.28
C THR J 220 21.61 4.61 1.76
N PHE J 221 20.37 4.75 2.22
CA PHE J 221 19.30 3.91 1.69
C PHE J 221 18.83 4.35 0.31
N ASP J 222 19.02 5.62 -0.04
CA ASP J 222 18.64 6.09 -1.36
C ASP J 222 19.55 5.52 -2.43
N LEU J 223 20.79 5.17 -2.08
CA LEU J 223 21.62 4.43 -3.02
C LEU J 223 20.90 3.16 -3.48
N PHE J 224 20.46 2.35 -2.52
CA PHE J 224 19.74 1.11 -2.85
C PHE J 224 18.41 1.41 -3.53
N VAL J 225 17.72 2.47 -3.09
CA VAL J 225 16.43 2.80 -3.68
C VAL J 225 16.59 3.15 -5.15
N GLY J 226 17.61 3.95 -5.48
CA GLY J 226 17.86 4.30 -6.87
C GLY J 226 18.29 3.11 -7.70
N LEU J 227 19.12 2.24 -7.11
CA LEU J 227 19.49 1.01 -7.82
C LEU J 227 18.24 0.19 -8.13
N ILE J 228 17.36 0.03 -7.16
CA ILE J 228 16.15 -0.76 -7.34
C ILE J 228 15.22 -0.10 -8.35
N GLN J 229 15.16 1.23 -8.34
CA GLN J 229 14.29 1.92 -9.30
C GLN J 229 14.80 1.77 -10.72
N ALA J 230 16.12 1.90 -10.93
CA ALA J 230 16.67 1.67 -12.25
C ALA J 230 16.40 0.23 -12.70
N PHE J 231 16.64 -0.73 -11.80
CA PHE J 231 16.40 -2.13 -12.14
C PHE J 231 14.93 -2.36 -12.49
N ILE J 232 14.01 -1.79 -11.70
CA ILE J 232 12.58 -1.98 -11.93
C ILE J 232 12.17 -1.35 -13.25
N PHE J 233 12.67 -0.15 -13.54
CA PHE J 233 12.29 0.53 -14.76
C PHE J 233 12.74 -0.27 -15.98
N SER J 234 13.98 -0.76 -15.95
CA SER J 234 14.49 -1.58 -17.04
C SER J 234 13.72 -2.90 -17.15
N LEU J 235 13.46 -3.54 -16.01
CA LEU J 235 12.76 -4.82 -16.00
C LEU J 235 11.36 -4.69 -16.57
N LEU J 236 10.66 -3.62 -16.19
CA LEU J 236 9.32 -3.40 -16.72
C LEU J 236 9.35 -2.99 -18.17
N THR J 237 10.40 -2.30 -18.62
CA THR J 237 10.55 -2.05 -20.04
C THR J 237 10.66 -3.36 -20.80
N ILE J 238 11.51 -4.27 -20.32
CA ILE J 238 11.66 -5.57 -20.97
C ILE J 238 10.34 -6.33 -20.95
N LEU J 239 9.65 -6.30 -19.82
CA LEU J 239 8.39 -7.02 -19.69
C LEU J 239 7.34 -6.46 -20.65
N TYR J 240 7.25 -5.14 -20.76
CA TYR J 240 6.30 -4.53 -21.68
C TYR J 240 6.64 -4.88 -23.12
N PHE J 241 7.93 -4.92 -23.45
CA PHE J 241 8.33 -5.35 -24.79
C PHE J 241 7.90 -6.78 -25.06
N SER J 242 8.14 -7.67 -24.11
CA SER J 242 7.76 -9.07 -24.29
C SER J 242 6.24 -9.19 -24.43
N GLN J 243 5.48 -8.36 -23.71
CA GLN J 243 4.03 -8.39 -23.83
C GLN J 243 3.57 -7.89 -25.20
N SER J 244 4.15 -6.78 -25.67
CA SER J 244 3.66 -6.13 -26.88
C SER J 244 4.16 -6.78 -28.16
N MET J 245 5.22 -7.59 -28.09
CA MET J 245 5.68 -8.28 -29.29
C MET J 245 5.02 -9.64 -29.49
N GLU J 246 4.57 -10.29 -28.42
CA GLU J 246 3.78 -11.52 -28.55
C GLU J 246 3.28 -11.96 -27.18
N PHE K 24 4.28 21.85 -11.46
CA PHE K 24 5.57 21.20 -11.68
C PHE K 24 5.40 19.87 -12.40
N LEU K 25 4.17 19.37 -12.47
CA LEU K 25 3.86 18.16 -13.22
C LEU K 25 3.60 18.42 -14.69
N ILE K 26 3.49 19.68 -15.09
CA ILE K 26 3.28 20.03 -16.49
C ILE K 26 4.58 19.84 -17.25
N PRO K 27 4.62 19.06 -18.33
CA PRO K 27 5.86 18.90 -19.09
C PRO K 27 6.37 20.24 -19.60
N ASN K 28 7.58 20.20 -20.15
CA ASN K 28 8.26 21.40 -20.62
C ASN K 28 9.08 21.05 -21.85
N GLY K 29 9.77 22.06 -22.38
CA GLY K 29 10.67 21.82 -23.50
C GLY K 29 11.83 20.91 -23.12
N THR K 30 12.28 20.98 -21.87
CA THR K 30 13.35 20.11 -21.40
C THR K 30 13.08 18.66 -21.80
N PHE K 31 11.80 18.28 -21.89
CA PHE K 31 11.44 16.95 -22.38
C PHE K 31 12.29 16.55 -23.57
N PHE K 32 12.18 17.29 -24.67
CA PHE K 32 12.99 16.99 -25.84
C PHE K 32 14.47 17.09 -25.50
N ALA K 33 14.86 18.16 -24.80
CA ALA K 33 16.27 18.32 -24.44
C ALA K 33 16.78 17.10 -23.67
N VAL K 34 15.91 16.42 -22.94
CA VAL K 34 16.31 15.18 -22.29
C VAL K 34 16.33 14.04 -23.29
N LEU K 35 15.23 13.88 -24.04
CA LEU K 35 15.11 12.75 -24.96
C LEU K 35 16.31 12.68 -25.89
N ILE K 36 16.62 13.81 -26.54
CA ILE K 36 17.78 13.88 -27.42
C ILE K 36 18.99 13.27 -26.72
N ILE K 37 19.33 13.80 -25.54
CA ILE K 37 20.51 13.31 -24.83
C ILE K 37 20.41 11.81 -24.62
N PHE K 38 19.26 11.33 -24.14
CA PHE K 38 19.10 9.90 -23.92
C PHE K 38 19.38 9.14 -25.21
N LEU K 39 18.81 9.60 -26.32
CA LEU K 39 19.04 8.93 -27.60
C LEU K 39 20.53 8.77 -27.85
N ILE K 40 21.30 9.83 -27.61
CA ILE K 40 22.74 9.74 -27.84
C ILE K 40 23.32 8.56 -27.05
N VAL K 41 22.99 8.48 -25.77
CA VAL K 41 23.45 7.35 -24.96
C VAL K 41 22.95 6.05 -25.57
N LEU K 42 21.65 6.02 -25.90
CA LEU K 42 21.08 4.82 -26.52
C LEU K 42 21.87 4.45 -27.78
N GLY K 43 22.33 5.46 -28.51
CA GLY K 43 23.17 5.16 -29.67
C GLY K 43 24.51 4.60 -29.26
N VAL K 44 25.20 5.26 -28.32
CA VAL K 44 26.55 4.86 -27.97
C VAL K 44 26.55 3.46 -27.38
N ILE K 45 25.68 3.22 -26.38
CA ILE K 45 25.60 1.90 -25.79
C ILE K 45 25.14 0.88 -26.83
N SER K 46 24.45 1.34 -27.88
CA SER K 46 24.01 0.40 -28.92
C SER K 46 25.19 -0.13 -29.71
N LYS K 47 26.30 0.61 -29.76
CA LYS K 47 27.46 0.19 -30.55
C LYS K 47 28.75 0.12 -29.76
N TRP K 48 29.00 1.06 -28.86
CA TRP K 48 30.26 1.04 -28.10
C TRP K 48 30.25 -0.02 -27.00
N VAL K 49 29.07 -0.44 -26.54
CA VAL K 49 28.99 -1.25 -25.33
C VAL K 49 28.37 -2.61 -25.60
N VAL K 50 27.11 -2.63 -26.04
CA VAL K 50 26.38 -3.89 -26.10
C VAL K 50 26.99 -4.87 -27.09
N PRO K 51 27.36 -4.48 -28.31
CA PRO K 51 27.91 -5.45 -29.25
C PRO K 51 29.28 -5.94 -28.81
N PRO K 52 30.18 -5.06 -28.36
CA PRO K 52 31.45 -5.57 -27.82
C PRO K 52 31.27 -6.52 -26.64
N ILE K 53 30.34 -6.24 -25.74
CA ILE K 53 30.12 -7.12 -24.59
C ILE K 53 29.55 -8.45 -25.05
N SER K 54 28.62 -8.43 -26.00
CA SER K 54 28.08 -9.66 -26.53
C SER K 54 29.19 -10.48 -27.21
N LYS K 55 30.08 -9.81 -27.94
CA LYS K 55 31.21 -10.51 -28.54
C LYS K 55 32.11 -11.13 -27.48
N VAL K 56 32.39 -10.39 -26.42
CA VAL K 56 33.25 -10.91 -25.36
C VAL K 56 32.61 -12.14 -24.71
N LEU K 57 31.30 -12.08 -24.46
CA LEU K 57 30.62 -13.23 -23.86
C LEU K 57 30.58 -14.41 -24.81
N ALA K 58 30.39 -14.16 -26.11
CA ALA K 58 30.41 -15.25 -27.08
C ALA K 58 31.77 -15.92 -27.14
N GLU K 59 32.84 -15.12 -27.13
CA GLU K 59 34.19 -15.70 -27.08
C GLU K 59 34.41 -16.46 -25.79
N ARG K 60 33.89 -15.93 -24.69
CA ARG K 60 33.98 -16.63 -23.40
C ARG K 60 33.35 -18.00 -23.48
N GLU K 61 32.15 -18.07 -24.06
CA GLU K 61 31.49 -19.37 -24.23
C GLU K 61 32.28 -20.27 -25.16
N ALA K 62 32.81 -19.72 -26.25
CA ALA K 62 33.53 -20.52 -27.22
C ALA K 62 34.77 -21.15 -26.60
N MET K 63 35.55 -20.38 -25.84
CA MET K 63 36.78 -20.90 -25.27
C MET K 63 36.55 -21.95 -24.20
N LEU K 64 35.32 -22.11 -23.73
CA LEU K 64 35.01 -23.17 -22.77
C LEU K 64 33.68 -23.84 -23.12
N MET L 1 25.93 27.62 4.27
CA MET L 1 27.19 27.30 5.00
C MET L 1 26.98 26.13 5.94
N SER L 2 26.08 26.31 6.91
CA SER L 2 25.79 25.24 7.87
C SER L 2 25.22 24.02 7.17
N ILE L 3 24.32 24.23 6.20
CA ILE L 3 23.75 23.11 5.46
C ILE L 3 24.85 22.31 4.78
N PHE L 4 25.82 22.99 4.18
CA PHE L 4 26.91 22.29 3.51
C PHE L 4 27.72 21.47 4.50
N ILE L 5 28.02 22.01 5.67
CA ILE L 5 28.81 21.27 6.65
C ILE L 5 28.04 20.04 7.13
N GLY L 6 26.75 20.20 7.44
CA GLY L 6 25.97 19.07 7.89
C GLY L 6 25.85 17.98 6.84
N GLN L 7 25.54 18.37 5.60
CA GLN L 7 25.47 17.40 4.52
C GLN L 7 26.82 16.75 4.26
N LEU L 8 27.92 17.48 4.46
CA LEU L 8 29.24 16.91 4.22
C LEU L 8 29.58 15.88 5.30
N ILE L 9 29.20 16.16 6.55
CA ILE L 9 29.33 15.14 7.59
C ILE L 9 28.50 13.93 7.24
N GLY L 10 27.28 14.14 6.77
CA GLY L 10 26.44 13.03 6.35
C GLY L 10 27.06 12.22 5.22
N PHE L 11 27.68 12.90 4.26
CA PHE L 11 28.30 12.20 3.14
C PHE L 11 29.55 11.45 3.59
N ALA L 12 30.29 12.01 4.54
CA ALA L 12 31.40 11.25 5.13
C ALA L 12 30.89 9.99 5.80
N VAL L 13 29.76 10.09 6.51
CA VAL L 13 29.16 8.90 7.13
C VAL L 13 28.77 7.89 6.06
N ILE L 14 28.15 8.35 4.98
CA ILE L 14 27.73 7.45 3.91
C ILE L 14 28.94 6.77 3.30
N ALA L 15 30.00 7.53 3.01
CA ALA L 15 31.20 6.96 2.43
C ALA L 15 31.83 5.94 3.35
N PHE L 16 31.88 6.23 4.65
CA PHE L 16 32.42 5.26 5.60
C PHE L 16 31.58 3.99 5.61
N ILE L 17 30.24 4.14 5.60
CA ILE L 17 29.38 2.96 5.65
C ILE L 17 29.59 2.10 4.41
N ILE L 18 29.62 2.72 3.24
CA ILE L 18 29.76 1.92 2.01
C ILE L 18 31.14 1.30 1.94
N VAL L 19 32.17 2.02 2.37
CA VAL L 19 33.53 1.50 2.32
C VAL L 19 33.69 0.33 3.27
N LYS L 20 33.02 0.38 4.43
CA LYS L 20 33.20 -0.65 5.44
C LYS L 20 32.31 -1.87 5.23
N TRP L 21 31.09 -1.68 4.72
CA TRP L 21 30.12 -2.76 4.65
C TRP L 21 29.61 -3.07 3.24
N VAL L 22 29.67 -2.12 2.32
CA VAL L 22 29.19 -2.33 0.96
C VAL L 22 30.33 -2.57 -0.01
N VAL L 23 31.44 -1.84 0.14
CA VAL L 23 32.58 -2.03 -0.75
C VAL L 23 33.16 -3.43 -0.63
N PRO L 24 33.37 -4.00 0.56
CA PRO L 24 34.04 -5.29 0.67
C PRO L 24 33.32 -6.37 -0.13
N PRO L 25 31.99 -6.52 0.02
CA PRO L 25 31.32 -7.58 -0.76
C PRO L 25 31.40 -7.36 -2.26
N VAL L 26 31.15 -6.19 -2.77
CA VAL L 26 31.18 -6.00 -4.16
C VAL L 26 32.55 -5.86 -4.60
N ARG L 27 33.54 -6.19 -3.78
CA ARG L 27 34.90 -6.19 -4.28
C ARG L 27 35.21 -7.59 -4.44
N THR L 28 34.76 -8.39 -3.51
CA THR L 28 34.96 -9.81 -3.60
C THR L 28 34.31 -10.18 -4.86
N LEU L 29 33.05 -9.92 -5.00
CA LEU L 29 32.40 -10.39 -6.22
C LEU L 29 33.28 -10.12 -7.44
N MET L 30 33.82 -8.90 -7.54
CA MET L 30 34.65 -8.57 -8.69
C MET L 30 35.90 -9.42 -8.74
N ARG L 31 36.55 -9.62 -7.60
CA ARG L 31 37.76 -10.44 -7.56
C ARG L 31 37.46 -11.89 -7.90
N ASN L 32 36.34 -12.41 -7.40
CA ASN L 32 35.96 -13.78 -7.75
C ASN L 32 35.69 -13.92 -9.24
N GLN L 33 35.01 -12.94 -9.82
CA GLN L 33 34.75 -12.98 -11.26
C GLN L 33 36.06 -12.94 -12.05
N GLN L 34 36.98 -12.07 -11.65
CA GLN L 34 38.27 -12.00 -12.35
C GLN L 34 39.06 -13.29 -12.19
N GLU L 35 39.05 -13.87 -11.00
CA GLU L 35 39.73 -15.15 -10.78
C GLU L 35 39.14 -16.24 -11.67
N ALA L 36 37.81 -16.30 -11.75
CA ALA L 36 37.17 -17.29 -12.60
C ALA L 36 37.53 -17.07 -14.06
N VAL L 37 37.59 -15.81 -14.48
CA VAL L 37 37.91 -15.52 -15.88
C VAL L 37 39.33 -15.97 -16.20
N ARG L 38 40.29 -15.60 -15.35
CA ARG L 38 41.66 -16.03 -15.57
C ARG L 38 41.83 -17.53 -15.43
N ALA L 39 40.94 -18.20 -14.70
CA ALA L 39 41.01 -19.65 -14.60
C ALA L 39 40.82 -20.31 -15.97
N ALA L 40 39.88 -19.80 -16.76
CA ALA L 40 39.64 -20.34 -18.10
C ALA L 40 40.41 -19.54 -19.14
C01 YGR M . -14.03 -5.93 -15.30
C03 YGR M . -15.99 -4.56 -15.29
C04 YGR M . -16.68 -3.33 -15.50
C05 YGR M . -15.94 -2.15 -16.21
C06 YGR M . -16.95 -1.49 -17.18
C07 YGR M . -17.28 -2.16 -18.37
C09 YGR M . -15.46 -3.36 -19.33
C10 YGR M . -18.20 -1.56 -19.25
C12 YGR M . -18.36 -1.43 -21.61
C14 YGR M . -18.48 0.26 -17.86
C16 YGR M . -20.09 1.88 -18.54
C17 YGR M . -17.57 -0.27 -16.92
C18 YGR M . -15.34 -1.23 -15.16
C19 YGR M . -14.21 -2.01 -14.42
C20 YGR M . -13.29 -1.12 -13.53
C22 YGR M . -11.77 -1.18 -11.69
C23 YGR M . -11.57 -2.80 -13.41
C25 YGR M . -14.76 0.05 -15.80
C26 YGR M . -15.18 1.33 -15.34
C27 YGR M . -14.64 2.50 -15.94
C29 YGR M . -14.05 4.79 -15.60
C31 YGR M . -13.31 1.21 -17.39
C33 YGR M . -12.06 2.48 -18.98
C34 YGR M . -13.81 -0.01 -16.85
C35 YGR M . -17.99 -3.18 -15.07
C36 YGR M . -18.63 -4.31 -14.42
C37 YGR M . -19.97 -4.22 -13.95
C38 YGR M . -20.56 -5.32 -13.33
C40 YGR M . -19.83 -6.50 -13.15
C41 YGR M . -18.51 -6.59 -13.60
C42 YGR M . -17.91 -5.46 -14.25
N13 YGR M . -18.76 -0.40 -18.98
N21 YGR M . -12.51 -1.98 -12.63
N30 YGR M . -13.75 2.38 -16.93
N43 YGR M . -16.61 -5.57 -14.68
O02 YGR M . -14.65 -4.71 -15.73
O08 YGR M . -16.71 -3.40 -18.69
O11 YGR M . -18.53 -2.23 -20.46
O15 YGR M . -19.10 1.51 -17.60
O24 YGR M . -16.35 -0.86 -14.23
O28 YGR M . -15.05 3.78 -15.49
O32 YGR M . -12.36 1.18 -18.46
BR3 YGR M . -22.38 -5.21 -12.70
C01 YGR N . 15.24 -0.40 10.09
C03 YGR N . 15.05 1.90 9.45
C04 YGR N . 15.00 3.29 9.73
C05 YGR N . 14.94 3.78 11.21
C06 YGR N . 15.92 4.95 11.41
C07 YGR N . 17.22 4.69 11.88
C09 YGR N . 17.56 3.04 13.53
C10 YGR N . 18.11 5.76 12.05
C12 YGR N . 20.17 4.66 11.67
C14 YGR N . 16.53 7.29 11.33
C16 YGR N . 17.14 9.59 11.49
C17 YGR N . 15.57 6.27 11.13
C18 YGR N . 13.51 4.13 11.59
C19 YGR N . 12.70 2.80 11.67
C20 YGR N . 11.24 2.97 12.20
C22 YGR N . 9.05 2.03 12.10
C23 YGR N . 10.93 0.58 12.20
C25 YGR N . 13.46 4.86 12.94
C26 YGR N . 13.03 6.20 13.01
C27 YGR N . 13.00 6.86 14.28
C29 YGR N . 11.23 8.39 14.80
C31 YGR N . 13.79 4.93 15.36
C33 YGR N . 13.43 4.75 17.73
C34 YGR N . 13.84 4.21 14.14
C35 YGR N . 15.01 4.22 8.69
C36 YGR N . 15.06 3.72 7.33
C37 YGR N . 15.08 4.60 6.22
C38 YGR N . 15.12 4.08 4.92
C40 YGR N . 15.16 2.70 4.71
C41 YGR N . 15.16 1.84 5.80
C42 YGR N . 15.10 2.36 7.12
N13 YGR N . 17.74 7.01 11.77
N21 YGR N . 10.42 1.86 11.69
N30 YGR N . 13.36 6.20 15.38
N43 YGR N . 15.09 1.48 8.18
O02 YGR N . 15.03 0.96 10.51
O08 YGR N . 17.62 3.36 12.16
O11 YGR N . 19.41 5.50 12.52
O15 YGR N . 16.18 8.64 11.06
O24 YGR N . 12.94 4.95 10.59
O28 YGR N . 12.57 8.21 14.36
O32 YGR N . 14.17 4.30 16.58
BR3 YGR N . 15.14 5.29 3.41
C01 YGR O . 8.24 -4.39 23.72
C03 YGR O . 8.61 -2.06 23.36
C04 YGR O . 8.46 -0.68 23.72
C05 YGR O . 7.59 -0.31 24.96
C06 YGR O . 8.29 0.81 25.76
C07 YGR O . 9.19 0.46 26.78
C09 YGR O . 8.73 -1.41 28.14
C10 YGR O . 9.83 1.47 27.50
C12 YGR O . 11.94 0.58 28.06
C14 YGR O . 8.73 3.13 26.30
C16 YGR O . 9.17 5.38 26.97
C17 YGR O . 8.06 2.17 25.53
C18 YGR O . 6.20 0.06 24.49
C19 YGR O . 5.52 -1.20 23.89
C20 YGR O . 3.97 -1.05 23.67
C22 YGR O . 3.50 -3.36 23.30
C23 YGR O . 2.15 -1.72 22.23
C25 YGR O . 5.36 0.60 25.66
C26 YGR O . 4.91 1.92 25.69
C27 YGR O . 4.14 2.39 26.79
C29 YGR O . 2.33 3.91 27.16
C31 YGR O . 4.26 0.29 27.82
C33 YGR O . 2.61 -1.12 28.86
C34 YGR O . 5.03 -0.24 26.75
C35 YGR O . 9.09 0.31 22.98
C36 YGR O . 9.89 -0.09 21.83
C37 YGR O . 10.55 0.86 21.02
C38 YGR O . 11.31 0.44 19.93
C40 YGR O . 11.41 -0.93 19.62
C41 YGR O . 10.76 -1.86 20.42
C42 YGR O . 9.99 -1.42 21.54
N13 YGR O . 9.58 2.75 27.26
N21 YGR O . 3.50 -2.05 22.70
N30 YGR O . 3.85 1.56 27.80
N43 YGR O . 9.35 -2.38 22.30
O02 YGR O . 7.97 -3.06 24.13
O08 YGR O . 9.47 -0.90 27.07
O11 YGR O . 10.74 1.14 28.52
O15 YGR O . 8.50 4.51 26.06
O24 YGR O . 6.27 1.05 23.48
O28 YGR O . 3.69 3.74 26.81
O32 YGR O . 3.93 -0.54 28.93
BR3 YGR O . 12.22 1.74 18.82
C01 YGR P . -5.83 -9.93 28.19
C03 YGR P . -5.25 -7.77 29.05
C04 YGR P . -5.59 -6.50 29.62
C05 YGR P . -7.05 -6.25 30.10
C06 YGR P . -7.08 -5.47 31.42
C07 YGR P . -7.19 -6.17 32.64
C09 YGR P . -6.01 -8.22 32.77
C10 YGR P . -7.21 -5.44 33.84
C12 YGR P . -8.47 -5.78 35.82
C14 YGR P . -7.05 -3.42 32.72
C16 YGR P . -8.01 -1.39 33.48
C17 YGR P . -7.00 -4.07 31.46
C18 YGR P . -7.79 -5.52 28.98
C19 YGR P . -7.97 -6.50 27.80
C20 YGR P . -9.00 -6.00 26.73
C22 YGR P . -9.14 -8.06 25.55
C23 YGR P . -9.63 -6.06 24.42
C25 YGR P . -9.17 -5.04 29.43
C26 YGR P . -10.14 -5.95 29.90
C27 YGR P . -11.42 -5.45 30.30
C29 YGR P . -13.22 -6.92 29.75
C31 YGR P . -10.80 -3.25 29.80
C33 YGR P . -12.36 -1.52 30.40
C34 YGR P . -9.50 -3.67 29.37
C35 YGR P . -4.61 -5.51 29.74
C36 YGR P . -3.28 -5.81 29.28
C37 YGR P . -2.22 -4.86 29.37
C38 YGR P . -0.94 -5.16 28.91
C40 YGR P . -0.69 -6.44 28.36
C41 YGR P . -1.71 -7.36 28.27
C42 YGR P . -3.02 -7.05 28.74
N13 YGR P . -7.14 -4.11 33.84
N21 YGR P . -8.77 -6.67 25.45
N30 YGR P . -11.68 -4.15 30.23
N43 YGR P . -4.01 -8.00 28.63
O02 YGR P . -6.24 -8.77 28.92
O08 YGR P . -7.27 -7.58 32.66
O11 YGR P . -7.32 -6.13 35.06
O15 YGR P . -6.97 -2.01 32.75
O24 YGR P . -7.03 -4.42 28.55
O28 YGR P . -12.41 -6.36 30.78
O32 YGR P . -11.14 -1.87 29.74
BR3 YGR P . 0.47 -3.86 29.04
C01 YGR Q . -20.43 -14.21 23.23
C03 YGR Q . -20.05 -12.01 24.09
C04 YGR Q . -20.57 -10.74 24.53
C05 YGR Q . -21.99 -10.29 24.07
C06 YGR Q . -22.73 -9.77 25.31
C07 YGR Q . -23.45 -10.68 26.11
C09 YGR Q . -22.64 -12.86 26.52
C10 YGR Q . -24.13 -10.20 27.24
C12 YGR Q . -26.15 -11.39 27.57
C14 YGR Q . -23.41 -8.04 26.86
C16 YGR Q . -24.10 -6.40 28.46
C17 YGR Q . -22.71 -8.43 25.71
C18 YGR Q . -21.88 -9.27 22.95
C19 YGR Q . -21.37 -9.97 21.65
C20 YGR Q . -20.92 -8.97 20.52
C22 YGR Q . -19.72 -8.77 18.48
C23 YGR Q . -21.25 -10.56 18.74
C25 YGR Q . -23.26 -8.65 22.65
C26 YGR Q . -23.49 -7.27 22.82
C27 YGR Q . -24.78 -6.72 22.55
C29 YGR Q . -25.93 -4.76 21.79
C31 YGR Q . -25.60 -8.83 21.96
C33 YGR Q . -27.50 -8.97 20.50
C34 YGR Q . -24.33 -9.45 22.21
C35 YGR Q . -19.82 -9.94 25.37
C36 YGR Q . -18.50 -10.41 25.78
C37 YGR Q . -17.67 -9.63 26.63
C38 YGR Q . -16.41 -10.11 27.00
C40 YGR Q . -15.96 -11.35 26.54
C41 YGR Q . -16.77 -12.11 25.70
C42 YGR Q . -18.06 -11.61 25.32
N13 YGR Q . -24.08 -8.92 27.59
N21 YGR Q . -20.28 -9.70 19.42
N30 YGR Q . -25.76 -7.52 22.14
N43 YGR Q . -18.84 -12.39 24.48
O02 YGR Q . -20.83 -12.83 23.24
O08 YGR Q . -23.51 -12.05 25.77
O11 YGR Q . -24.86 -11.11 28.04
O15 YGR Q . -23.39 -6.67 27.26
O24 YGR Q . -20.98 -8.25 23.32
O28 YGR Q . -25.01 -5.33 22.73
O32 YGR Q . -26.70 -9.62 21.50
BR3 YGR Q . -15.30 -9.04 28.16
C01 YGR R . -27.48 -14.35 9.16
C03 YGR R . -28.36 -12.85 10.72
C04 YGR R . -29.08 -11.69 11.01
C05 YGR R . -29.91 -11.02 9.93
C06 YGR R . -31.30 -10.55 10.44
C07 YGR R . -32.44 -11.32 10.09
C09 YGR R . -32.14 -13.64 10.21
C10 YGR R . -33.67 -10.92 10.53
C12 YGR R . -35.48 -11.11 9.12
C14 YGR R . -32.77 -9.05 11.59
C16 YGR R . -34.01 -7.15 11.79
C17 YGR R . -31.49 -9.40 11.21
C18 YGR R . -29.16 -9.86 9.33
C19 YGR R . -28.05 -10.35 8.47
C20 YGR R . -27.19 -9.14 8.03
C22 YGR R . -25.21 -8.51 6.73
C23 YGR R . -26.71 -10.25 5.92
C25 YGR R . -30.10 -9.00 8.42
C26 YGR R . -30.66 -9.54 7.26
C27 YGR R . -31.49 -8.75 6.47
C29 YGR R . -31.55 -10.57 5.03
C31 YGR R . -31.23 -6.96 7.92
C33 YGR R . -31.90 -4.86 7.06
C34 YGR R . -30.38 -7.70 8.76
C35 YGR R . -29.02 -11.14 12.30
C36 YGR R . -28.19 -11.82 13.28
C37 YGR R . -28.11 -11.29 14.55
C38 YGR R . -27.34 -11.94 15.48
C40 YGR R . -26.65 -13.09 15.16
C41 YGR R . -26.73 -13.60 13.90
C42 YGR R . -27.53 -12.95 12.94
N13 YGR R . -33.82 -9.81 11.24
N21 YGR R . -26.12 -9.61 7.10
N30 YGR R . -31.74 -7.51 6.81
N43 YGR R . -27.61 -13.46 11.66
O02 YGR R . -28.44 -13.40 9.42
O08 YGR R . -32.30 -12.48 9.35
O11 YGR R . -34.81 -11.66 10.21
O15 YGR R . -33.02 -7.92 12.34
O24 YGR R . -28.63 -9.04 10.28
O28 YGR R . -32.04 -9.30 5.31
O32 YGR R . -31.54 -5.62 8.23
BR3 YGR R . -27.23 -11.18 17.26
C01 YGR S . -25.17 -11.42 -6.06
C03 YGR S . -26.90 -10.10 -5.02
C04 YGR S . -27.66 -8.89 -4.96
C05 YGR S . -27.66 -7.93 -6.18
C06 YGR S . -29.09 -7.45 -6.47
C07 YGR S . -29.88 -8.14 -7.41
C09 YGR S . -28.74 -8.97 -9.31
C10 YGR S . -31.18 -7.69 -7.66
C12 YGR S . -31.87 -7.89 -9.92
C14 YGR S . -30.97 -5.96 -6.14
C16 YGR S . -32.08 -3.87 -6.36
C17 YGR S . -29.66 -6.35 -5.83
C18 YGR S . -26.67 -6.80 -5.95
C19 YGR S . -25.24 -7.40 -5.99
C20 YGR S . -24.09 -6.33 -5.99
C22 YGR S . -22.34 -7.89 -6.39
C23 YGR S . -21.84 -5.89 -5.28
C25 YGR S . -26.79 -5.69 -7.01
C26 YGR S . -27.34 -4.44 -6.68
C27 YGR S . -27.45 -3.43 -7.67
C29 YGR S . -27.12 -1.07 -7.58
C31 YGR S . -26.49 -4.86 -9.29
C33 YGR S . -25.37 -6.22 -10.96
C34 YGR S . -26.36 -5.91 -8.33
C35 YGR S . -28.38 -8.57 -3.80
C36 YGR S . -28.33 -9.51 -2.69
C37 YGR S . -29.04 -9.25 -1.50
C38 YGR S . -28.99 -10.16 -0.43
C40 YGR S . -28.22 -11.33 -0.56
C41 YGR S . -27.53 -11.58 -1.73
C42 YGR S . -27.60 -10.64 -2.82
N13 YGR S . -31.69 -6.64 -7.03
N21 YGR S . -22.86 -6.94 -5.46
N30 YGR S . -27.02 -3.69 -8.92
N43 YGR S . -26.89 -10.93 -3.98
O02 YGR S . -26.17 -10.41 -6.20
O08 YGR S . -29.37 -9.27 -8.09
O11 YGR S . -31.99 -8.38 -8.59
O15 YGR S . -31.54 -4.84 -5.49
O24 YGR S . -26.90 -6.23 -4.66
O28 YGR S . -28.00 -2.16 -7.36
O32 YGR S . -26.06 -5.01 -10.64
BR3 YGR S . -29.96 -9.80 1.20
#